data_6WEM
#
_entry.id   6WEM
#
_cell.length_a   71.546
_cell.length_b   90.046
_cell.length_c   129.518
_cell.angle_alpha   90.00
_cell.angle_beta   90.00
_cell.angle_gamma   90.00
#
_symmetry.space_group_name_H-M   'P 21 21 21'
#
loop_
_entity.id
_entity.type
_entity.pdbx_description
1 polymer 'mCrimson 0.9'
2 water water
#
_entity_poly.entity_id   1
_entity_poly.type   'polypeptide(L)'
_entity_poly.pdbx_seq_one_letter_code
;EELIKENMHSKLYLEGSVNGHQFKCTHEGEGKPYEGTQTNRIKVVEGGPLPFAFDILATMF(NRQ)SKAFIKYPKGLPDY
FKQSFPEGFTWERTMVFEDGGVLTATQDTSLQDGCLIYNVKLRGVNFPANGPVMKQTTLGWEPSTETLYPADGALEGRCD
MALKLVGGGHLHCNFKTTYKSKKPAKNLKMPGVHYVDRRLERIKEADNETYVEQHEVAVARYCDLPSKL
;
_entity_poly.pdbx_strand_id   A,B,C,D
#
# COMPACT_ATOMS: atom_id res chain seq x y z
N GLU A 1 21.86 -25.08 -18.58
CA GLU A 1 22.61 -23.89 -19.13
C GLU A 1 23.26 -24.21 -20.48
N GLU A 2 23.66 -25.47 -20.74
CA GLU A 2 24.17 -26.00 -22.03
C GLU A 2 23.32 -25.49 -23.24
N LEU A 3 22.04 -25.19 -23.02
CA LEU A 3 21.07 -24.80 -24.07
C LEU A 3 21.11 -23.30 -24.30
N ILE A 4 21.50 -22.53 -23.27
CA ILE A 4 21.69 -21.08 -23.37
C ILE A 4 23.10 -20.81 -23.93
N LYS A 5 23.15 -20.37 -25.18
CA LYS A 5 24.42 -20.12 -25.88
C LYS A 5 24.91 -18.71 -25.57
N GLU A 6 26.11 -18.39 -26.03
CA GLU A 6 26.73 -17.07 -25.76
C GLU A 6 25.97 -15.98 -26.53
N ASN A 7 25.32 -16.36 -27.61
CA ASN A 7 24.43 -15.46 -28.41
C ASN A 7 23.06 -16.14 -28.44
N MET A 8 21.99 -15.43 -28.06
CA MET A 8 20.61 -15.96 -28.11
C MET A 8 19.71 -14.89 -28.73
N HIS A 9 18.73 -15.36 -29.47
CA HIS A 9 17.63 -14.58 -30.05
C HIS A 9 16.40 -14.87 -29.20
N SER A 10 15.47 -13.91 -29.18
CA SER A 10 14.18 -14.03 -28.47
C SER A 10 13.09 -13.44 -29.33
N LYS A 11 11.91 -14.03 -29.26
CA LYS A 11 10.67 -13.56 -29.87
C LYS A 11 9.67 -13.35 -28.74
N LEU A 12 8.98 -12.21 -28.74
CA LEU A 12 7.98 -11.93 -27.69
C LEU A 12 6.60 -11.61 -28.29
N TYR A 13 5.55 -12.13 -27.66
N TYR A 13 5.55 -12.12 -27.64
CA TYR A 13 4.14 -11.76 -27.87
CA TYR A 13 4.13 -11.76 -27.88
C TYR A 13 3.56 -11.26 -26.55
C TYR A 13 3.55 -11.26 -26.55
N LEU A 14 2.89 -10.11 -26.62
CA LEU A 14 2.31 -9.45 -25.44
C LEU A 14 0.91 -8.96 -25.78
N GLU A 15 -0.01 -9.25 -24.88
CA GLU A 15 -1.38 -8.74 -24.93
C GLU A 15 -1.64 -8.00 -23.64
N GLY A 16 -2.28 -6.86 -23.75
CA GLY A 16 -2.55 -6.08 -22.54
C GLY A 16 -3.69 -5.12 -22.67
N SER A 17 -3.98 -4.50 -21.55
CA SER A 17 -4.92 -3.38 -21.41
C SER A 17 -4.36 -2.42 -20.34
N VAL A 18 -4.38 -1.14 -20.61
CA VAL A 18 -4.06 -0.10 -19.61
C VAL A 18 -5.21 0.89 -19.57
N ASN A 19 -5.84 1.06 -18.41
CA ASN A 19 -7.03 1.93 -18.28
C ASN A 19 -8.07 1.48 -19.32
N GLY A 20 -8.21 0.20 -19.61
CA GLY A 20 -9.29 -0.24 -20.50
C GLY A 20 -8.95 -0.17 -21.99
N HIS A 21 -7.79 0.37 -22.37
N HIS A 21 -7.78 0.35 -22.37
CA HIS A 21 -7.30 0.37 -23.77
CA HIS A 21 -7.31 0.36 -23.78
C HIS A 21 -6.52 -0.93 -24.05
C HIS A 21 -6.51 -0.92 -24.07
N GLN A 22 -7.05 -1.80 -24.90
CA GLN A 22 -6.43 -3.06 -25.33
C GLN A 22 -5.37 -2.82 -26.41
N PHE A 23 -4.31 -3.62 -26.35
CA PHE A 23 -3.22 -3.55 -27.35
C PHE A 23 -2.47 -4.88 -27.37
N LYS A 24 -1.70 -5.07 -28.42
CA LYS A 24 -0.71 -6.15 -28.61
C LYS A 24 0.62 -5.59 -29.08
N CYS A 25 1.68 -6.24 -28.62
CA CYS A 25 3.09 -5.97 -28.98
C CYS A 25 3.79 -7.28 -29.35
N THR A 26 4.83 -7.14 -30.17
CA THR A 26 5.80 -8.20 -30.50
C THR A 26 7.20 -7.61 -30.33
N HIS A 27 8.17 -8.46 -30.15
CA HIS A 27 9.58 -8.04 -30.21
C HIS A 27 10.35 -9.16 -30.88
N GLU A 28 11.43 -8.74 -31.53
CA GLU A 28 12.58 -9.58 -31.90
C GLU A 28 13.77 -8.99 -31.15
N GLY A 29 14.48 -9.85 -30.46
CA GLY A 29 15.61 -9.42 -29.62
C GLY A 29 16.79 -10.33 -29.81
N GLU A 30 17.96 -9.83 -29.46
CA GLU A 30 19.18 -10.65 -29.36
C GLU A 30 20.06 -10.09 -28.26
N GLY A 31 20.88 -10.94 -27.70
CA GLY A 31 21.79 -10.58 -26.63
C GLY A 31 22.81 -11.64 -26.31
N LYS A 32 23.57 -11.35 -25.26
CA LYS A 32 24.70 -12.17 -24.81
C LYS A 32 24.35 -12.56 -23.38
N PRO A 33 23.70 -13.72 -23.19
CA PRO A 33 23.16 -14.07 -21.90
C PRO A 33 24.21 -14.14 -20.79
N TYR A 34 25.48 -14.42 -21.09
CA TYR A 34 26.51 -14.51 -20.03
C TYR A 34 27.18 -13.15 -19.84
N GLU A 35 26.94 -12.18 -20.74
CA GLU A 35 27.50 -10.80 -20.59
C GLU A 35 26.43 -9.94 -19.96
N GLY A 36 25.21 -10.45 -19.89
CA GLY A 36 24.10 -9.76 -19.24
C GLY A 36 23.49 -8.67 -20.11
N THR A 37 23.72 -8.70 -21.43
CA THR A 37 23.24 -7.63 -22.34
C THR A 37 22.21 -8.15 -23.35
N GLN A 38 21.30 -7.26 -23.76
CA GLN A 38 20.36 -7.60 -24.85
C GLN A 38 19.79 -6.33 -25.47
N THR A 39 19.33 -6.51 -26.67
CA THR A 39 18.60 -5.46 -27.39
C THR A 39 17.34 -6.10 -27.93
N ASN A 40 16.23 -5.37 -27.86
CA ASN A 40 14.96 -5.81 -28.48
C ASN A 40 14.46 -4.71 -29.43
N ARG A 41 13.82 -5.14 -30.49
CA ARG A 41 13.07 -4.25 -31.39
C ARG A 41 11.60 -4.53 -31.14
N ILE A 42 10.87 -3.54 -30.60
CA ILE A 42 9.46 -3.70 -30.14
C ILE A 42 8.54 -2.99 -31.12
N LYS A 43 7.50 -3.70 -31.52
CA LYS A 43 6.37 -3.18 -32.34
C LYS A 43 5.05 -3.27 -31.56
N VAL A 44 4.31 -2.16 -31.53
CA VAL A 44 2.88 -2.13 -31.14
C VAL A 44 2.09 -2.53 -32.39
N VAL A 45 1.53 -3.73 -32.44
CA VAL A 45 0.93 -4.31 -33.67
C VAL A 45 -0.59 -4.14 -33.62
N GLU A 46 -1.20 -3.88 -32.48
CA GLU A 46 -2.65 -3.61 -32.38
C GLU A 46 -2.87 -2.61 -31.25
N GLY A 47 -3.77 -1.67 -31.48
CA GLY A 47 -4.24 -0.69 -30.50
C GLY A 47 -3.29 0.50 -30.35
N GLY A 48 -2.29 0.64 -31.22
CA GLY A 48 -1.30 1.73 -31.23
C GLY A 48 -1.73 2.81 -32.22
N PRO A 49 -1.22 4.05 -32.14
CA PRO A 49 -0.40 4.49 -31.00
C PRO A 49 -1.14 4.47 -29.66
N LEU A 50 -0.37 4.18 -28.63
CA LEU A 50 -0.90 4.02 -27.24
C LEU A 50 -1.21 5.39 -26.64
N PRO A 51 -2.29 5.54 -25.85
CA PRO A 51 -2.58 6.81 -25.17
C PRO A 51 -1.77 7.06 -23.88
N PHE A 52 -0.78 6.22 -23.60
CA PHE A 52 -0.02 6.29 -22.34
C PHE A 52 1.46 6.06 -22.64
N ALA A 53 2.32 6.50 -21.74
CA ALA A 53 3.78 6.42 -21.88
C ALA A 53 4.15 4.94 -22.09
N PHE A 54 4.81 4.64 -23.20
CA PHE A 54 5.36 3.30 -23.44
C PHE A 54 6.30 2.87 -22.31
N ASP A 55 7.02 3.81 -21.70
CA ASP A 55 7.92 3.54 -20.56
C ASP A 55 7.29 2.52 -19.61
N ILE A 56 6.00 2.60 -19.31
CA ILE A 56 5.42 1.73 -18.23
C ILE A 56 5.46 0.26 -18.64
N LEU A 57 5.58 -0.05 -19.94
CA LEU A 57 5.68 -1.44 -20.43
C LEU A 57 7.13 -1.94 -20.57
N ALA A 58 8.16 -1.09 -20.40
CA ALA A 58 9.55 -1.38 -20.86
C ALA A 58 10.12 -2.61 -20.14
N THR A 59 9.75 -2.83 -18.88
CA THR A 59 10.24 -4.00 -18.10
C THR A 59 9.44 -5.26 -18.41
N MET A 60 8.42 -5.19 -19.25
CA MET A 60 7.69 -6.41 -19.70
C MET A 60 8.50 -7.19 -20.74
N PHE A 61 9.45 -6.56 -21.41
CA PHE A 61 10.15 -7.15 -22.59
C PHE A 61 11.52 -7.73 -22.22
N SER A 63 13.27 -10.36 -19.23
CA SER A 63 14.20 -11.17 -20.03
C SER A 63 15.31 -11.73 -19.13
N LYS A 64 14.96 -12.65 -18.23
CA LYS A 64 15.81 -12.96 -17.05
C LYS A 64 16.99 -13.91 -17.39
N ALA A 65 17.04 -14.47 -18.60
CA ALA A 65 18.08 -15.46 -19.00
C ALA A 65 19.34 -14.69 -19.38
N PHE A 66 19.24 -13.37 -19.51
CA PHE A 66 20.33 -12.48 -19.96
C PHE A 66 20.87 -11.69 -18.77
N ILE A 67 21.03 -12.34 -17.65
CA ILE A 67 21.68 -11.71 -16.48
C ILE A 67 23.06 -12.34 -16.37
N LYS A 68 24.09 -11.53 -16.25
CA LYS A 68 25.43 -12.06 -15.99
C LYS A 68 25.51 -12.50 -14.52
N TYR A 69 25.69 -13.80 -14.30
CA TYR A 69 25.86 -14.44 -12.97
C TYR A 69 27.32 -14.82 -12.80
N PRO A 70 28.01 -14.37 -11.73
CA PRO A 70 29.39 -14.77 -11.49
C PRO A 70 29.43 -16.25 -11.05
N LYS A 71 30.54 -16.94 -11.33
CA LYS A 71 30.71 -18.33 -10.86
C LYS A 71 30.48 -18.31 -9.36
N GLY A 72 29.77 -19.30 -8.82
CA GLY A 72 29.55 -19.40 -7.37
C GLY A 72 28.21 -18.81 -6.95
N LEU A 73 27.55 -18.09 -7.83
CA LEU A 73 26.16 -17.62 -7.58
C LEU A 73 25.29 -18.37 -8.55
N PRO A 74 24.55 -19.41 -8.13
CA PRO A 74 23.73 -20.19 -9.04
C PRO A 74 22.74 -19.32 -9.83
N ASP A 75 22.61 -19.67 -11.11
CA ASP A 75 21.77 -18.94 -12.10
C ASP A 75 20.45 -19.69 -12.25
N TYR A 76 19.45 -19.29 -11.47
CA TYR A 76 18.12 -19.95 -11.40
C TYR A 76 17.50 -19.99 -12.81
N PHE A 77 17.64 -18.90 -13.55
CA PHE A 77 16.97 -18.70 -14.84
C PHE A 77 17.59 -19.63 -15.86
N LYS A 78 18.90 -19.55 -16.04
CA LYS A 78 19.58 -20.40 -17.04
C LYS A 78 19.46 -21.87 -16.64
N GLN A 79 19.40 -22.20 -15.34
CA GLN A 79 19.30 -23.61 -14.87
C GLN A 79 17.94 -24.21 -15.22
N SER A 80 16.94 -23.36 -15.45
N SER A 80 16.94 -23.35 -15.45
CA SER A 80 15.54 -23.80 -15.63
CA SER A 80 15.53 -23.74 -15.66
C SER A 80 15.31 -24.49 -16.99
C SER A 80 15.31 -24.49 -16.99
N PHE A 81 16.21 -24.31 -17.96
CA PHE A 81 16.04 -24.83 -19.36
C PHE A 81 16.42 -26.31 -19.39
N PRO A 82 15.81 -27.15 -20.27
CA PRO A 82 14.93 -26.69 -21.34
C PRO A 82 13.50 -26.23 -20.99
N GLU A 83 12.97 -26.56 -19.80
CA GLU A 83 11.53 -26.32 -19.47
C GLU A 83 11.23 -24.80 -19.39
N GLY A 84 12.17 -24.00 -18.89
CA GLY A 84 12.00 -22.53 -18.75
C GLY A 84 11.37 -22.17 -17.43
N PHE A 85 10.83 -20.96 -17.37
CA PHE A 85 10.31 -20.40 -16.13
C PHE A 85 9.20 -19.42 -16.47
N THR A 86 8.49 -18.99 -15.42
CA THR A 86 7.45 -17.94 -15.48
C THR A 86 7.78 -16.86 -14.47
N TRP A 87 7.18 -15.70 -14.64
CA TRP A 87 7.15 -14.64 -13.62
C TRP A 87 5.76 -14.00 -13.54
N GLU A 88 5.45 -13.54 -12.33
CA GLU A 88 4.19 -12.87 -11.99
C GLU A 88 4.60 -11.60 -11.25
N ARG A 89 4.18 -10.45 -11.75
CA ARG A 89 4.69 -9.17 -11.26
C ARG A 89 3.54 -8.23 -10.91
N THR A 90 3.70 -7.45 -9.86
CA THR A 90 2.83 -6.28 -9.63
C THR A 90 3.69 -5.04 -9.62
N MET A 91 3.21 -4.01 -10.24
CA MET A 91 3.87 -2.69 -10.30
C MET A 91 2.90 -1.68 -9.71
N VAL A 92 3.26 -1.02 -8.63
CA VAL A 92 2.37 -0.07 -7.97
C VAL A 92 3.05 1.28 -8.06
N PHE A 93 2.44 2.21 -8.78
CA PHE A 93 2.97 3.59 -8.94
C PHE A 93 2.45 4.41 -7.75
N GLU A 94 3.21 5.40 -7.28
N GLU A 94 3.23 5.41 -7.31
CA GLU A 94 2.86 6.13 -6.03
CA GLU A 94 2.98 6.26 -6.12
C GLU A 94 1.69 7.11 -6.31
C GLU A 94 1.69 7.09 -6.33
N ASP A 95 1.36 7.43 -7.58
CA ASP A 95 0.18 8.28 -7.88
C ASP A 95 -1.05 7.44 -8.28
N GLY A 96 -1.06 6.12 -8.11
CA GLY A 96 -2.30 5.32 -8.13
C GLY A 96 -2.38 4.24 -9.20
N GLY A 97 -1.56 4.31 -10.24
CA GLY A 97 -1.61 3.30 -11.32
C GLY A 97 -1.08 1.96 -10.83
N VAL A 98 -1.72 0.86 -11.20
CA VAL A 98 -1.29 -0.51 -10.85
C VAL A 98 -1.27 -1.32 -12.14
N LEU A 99 -0.22 -2.11 -12.32
CA LEU A 99 -0.05 -3.02 -13.46
C LEU A 99 0.24 -4.41 -12.90
N THR A 100 -0.49 -5.41 -13.30
CA THR A 100 -0.12 -6.79 -12.94
C THR A 100 0.14 -7.49 -14.26
N ALA A 101 1.10 -8.40 -14.28
CA ALA A 101 1.56 -9.03 -15.51
C ALA A 101 2.05 -10.42 -15.18
N THR A 102 1.87 -11.33 -16.10
CA THR A 102 2.48 -12.68 -16.04
C THR A 102 3.14 -13.00 -17.37
N GLN A 103 4.15 -13.84 -17.30
CA GLN A 103 5.09 -14.05 -18.43
C GLN A 103 5.46 -15.51 -18.41
N ASP A 104 5.45 -16.10 -19.58
CA ASP A 104 5.99 -17.46 -19.81
C ASP A 104 7.24 -17.36 -20.71
N THR A 105 8.34 -18.00 -20.28
CA THR A 105 9.61 -18.05 -21.02
C THR A 105 9.85 -19.51 -21.37
N SER A 106 9.89 -19.80 -22.67
CA SER A 106 10.23 -21.14 -23.14
C SER A 106 11.35 -21.04 -24.19
N LEU A 107 11.90 -22.19 -24.52
CA LEU A 107 13.01 -22.33 -25.48
C LEU A 107 12.52 -23.30 -26.57
N GLN A 108 12.43 -22.85 -27.81
CA GLN A 108 12.05 -23.73 -28.95
C GLN A 108 13.10 -23.57 -30.07
N ASP A 109 13.80 -24.65 -30.40
CA ASP A 109 14.78 -24.64 -31.52
C ASP A 109 15.82 -23.51 -31.33
N GLY A 110 16.39 -23.38 -30.15
CA GLY A 110 17.46 -22.40 -29.89
C GLY A 110 16.95 -20.97 -29.70
N CYS A 111 15.66 -20.70 -29.86
CA CYS A 111 15.09 -19.32 -29.76
C CYS A 111 14.30 -19.21 -28.45
N LEU A 112 14.53 -18.17 -27.67
CA LEU A 112 13.72 -17.91 -26.45
C LEU A 112 12.37 -17.32 -26.88
N ILE A 113 11.28 -17.90 -26.38
CA ILE A 113 9.90 -17.44 -26.68
C ILE A 113 9.30 -16.85 -25.40
N TYR A 114 8.83 -15.62 -25.49
CA TYR A 114 8.24 -14.87 -24.37
C TYR A 114 6.76 -14.64 -24.67
N ASN A 115 5.90 -15.00 -23.72
N ASN A 115 5.92 -15.01 -23.72
CA ASN A 115 4.44 -14.78 -23.79
CA ASN A 115 4.47 -14.75 -23.79
C ASN A 115 4.06 -13.91 -22.58
C ASN A 115 4.09 -13.89 -22.57
N VAL A 116 3.58 -12.69 -22.80
CA VAL A 116 3.26 -11.77 -21.69
C VAL A 116 1.80 -11.40 -21.74
N LYS A 117 1.21 -11.31 -20.58
CA LYS A 117 -0.16 -10.75 -20.43
C LYS A 117 -0.17 -9.73 -19.31
N LEU A 118 -0.74 -8.57 -19.58
CA LEU A 118 -0.73 -7.54 -18.54
C LEU A 118 -2.05 -6.80 -18.48
N ARG A 119 -2.36 -6.32 -17.27
CA ARG A 119 -3.55 -5.47 -17.03
C ARG A 119 -3.15 -4.32 -16.12
N GLY A 120 -3.42 -3.10 -16.58
CA GLY A 120 -3.17 -1.87 -15.86
C GLY A 120 -4.39 -1.04 -15.70
N VAL A 121 -4.57 -0.49 -14.49
CA VAL A 121 -5.79 0.23 -14.12
C VAL A 121 -5.40 1.44 -13.29
N ASN A 122 -6.30 2.42 -13.30
CA ASN A 122 -6.41 3.52 -12.33
C ASN A 122 -5.19 4.43 -12.50
N PHE A 123 -4.62 4.51 -13.70
CA PHE A 123 -3.56 5.51 -13.99
C PHE A 123 -4.28 6.85 -14.09
N PRO A 124 -3.91 7.89 -13.34
CA PRO A 124 -4.70 9.12 -13.29
C PRO A 124 -4.64 9.86 -14.64
N ALA A 125 -5.74 10.41 -15.08
CA ALA A 125 -5.89 11.12 -16.37
C ALA A 125 -4.90 12.29 -16.48
N ASN A 126 -4.61 12.98 -15.40
CA ASN A 126 -3.70 14.16 -15.33
C ASN A 126 -2.27 13.76 -14.96
N GLY A 127 -1.97 12.50 -14.71
CA GLY A 127 -0.61 12.06 -14.32
C GLY A 127 0.32 11.91 -15.52
N PRO A 128 1.64 11.85 -15.24
CA PRO A 128 2.66 11.81 -16.28
C PRO A 128 2.56 10.62 -17.23
N VAL A 129 2.07 9.46 -16.76
CA VAL A 129 1.87 8.28 -17.64
C VAL A 129 0.85 8.61 -18.75
N MET A 130 -0.35 9.03 -18.42
CA MET A 130 -1.44 9.30 -19.42
C MET A 130 -1.15 10.60 -20.19
N LYS A 131 -0.37 11.54 -19.64
CA LYS A 131 0.01 12.78 -20.37
C LYS A 131 1.28 12.56 -21.20
N GLN A 132 1.98 11.42 -21.06
CA GLN A 132 3.23 11.06 -21.76
C GLN A 132 4.35 12.07 -21.45
N THR A 133 4.63 12.38 -20.19
CA THR A 133 5.72 13.31 -19.86
C THR A 133 6.81 12.55 -19.09
N THR A 134 7.03 11.26 -19.42
CA THR A 134 8.10 10.43 -18.84
C THR A 134 9.29 10.39 -19.82
N LEU A 135 10.47 10.01 -19.32
CA LEU A 135 11.76 10.04 -20.04
C LEU A 135 12.58 8.85 -19.59
N GLY A 136 11.95 7.71 -19.36
CA GLY A 136 12.71 6.48 -19.17
C GLY A 136 12.96 6.22 -17.71
N TRP A 137 13.39 5.02 -17.41
CA TRP A 137 13.63 4.55 -16.03
C TRP A 137 15.05 4.90 -15.58
N GLU A 138 15.22 5.16 -14.30
CA GLU A 138 16.53 5.21 -13.63
C GLU A 138 17.08 3.79 -13.55
N PRO A 139 18.41 3.59 -13.51
CA PRO A 139 18.96 2.27 -13.26
C PRO A 139 18.41 1.79 -11.91
N SER A 140 18.45 0.48 -11.65
CA SER A 140 17.85 -0.08 -10.44
C SER A 140 18.62 -1.29 -9.90
N THR A 141 18.32 -1.61 -8.66
CA THR A 141 18.78 -2.87 -8.03
C THR A 141 17.56 -3.66 -7.52
N GLU A 142 17.39 -4.87 -8.01
CA GLU A 142 16.40 -5.82 -7.51
C GLU A 142 17.11 -6.72 -6.49
N THR A 143 16.47 -7.01 -5.37
CA THR A 143 16.87 -8.07 -4.46
C THR A 143 16.04 -9.31 -4.81
N LEU A 144 16.68 -10.49 -4.83
CA LEU A 144 16.05 -11.78 -5.17
C LEU A 144 16.24 -12.67 -3.95
N TYR A 145 15.15 -13.22 -3.43
CA TYR A 145 15.08 -14.00 -2.19
C TYR A 145 14.59 -15.39 -2.54
N PRO A 146 15.27 -16.46 -2.08
CA PRO A 146 14.77 -17.81 -2.28
C PRO A 146 13.50 -17.96 -1.46
N ALA A 147 12.46 -18.59 -1.98
CA ALA A 147 11.19 -18.83 -1.26
C ALA A 147 10.49 -20.06 -1.88
N ASP A 148 10.69 -21.22 -1.27
CA ASP A 148 10.03 -22.52 -1.57
C ASP A 148 10.27 -22.89 -3.04
N GLY A 149 11.51 -22.93 -3.49
CA GLY A 149 11.81 -23.31 -4.87
C GLY A 149 11.70 -22.16 -5.86
N ALA A 150 11.01 -21.07 -5.50
CA ALA A 150 10.83 -19.88 -6.35
C ALA A 150 11.79 -18.76 -5.93
N LEU A 151 11.92 -17.73 -6.76
CA LEU A 151 12.59 -16.48 -6.31
C LEU A 151 11.53 -15.39 -6.14
N GLU A 152 11.63 -14.61 -5.09
CA GLU A 152 10.84 -13.38 -4.94
C GLU A 152 11.79 -12.22 -5.23
N GLY A 153 11.33 -11.30 -6.06
CA GLY A 153 12.09 -10.08 -6.34
C GLY A 153 11.36 -8.87 -5.84
N ARG A 154 12.12 -7.88 -5.36
CA ARG A 154 11.61 -6.60 -4.86
C ARG A 154 12.53 -5.54 -5.43
N CYS A 155 11.91 -4.50 -5.97
CA CYS A 155 12.66 -3.49 -6.71
C CYS A 155 11.93 -2.14 -6.62
N ASP A 156 12.61 -1.08 -6.20
CA ASP A 156 12.06 0.29 -6.27
C ASP A 156 12.62 0.93 -7.52
N MET A 157 11.77 1.40 -8.38
CA MET A 157 12.19 1.98 -9.67
C MET A 157 11.56 3.35 -9.78
N ALA A 158 12.10 4.17 -10.66
CA ALA A 158 11.56 5.51 -10.86
C ALA A 158 11.65 5.88 -12.32
N LEU A 159 10.58 6.48 -12.82
CA LEU A 159 10.54 7.10 -14.14
C LEU A 159 10.99 8.53 -14.02
N LYS A 160 11.96 8.94 -14.81
CA LYS A 160 12.30 10.36 -14.95
C LYS A 160 11.13 11.12 -15.56
N LEU A 161 10.87 12.34 -15.12
CA LEU A 161 9.78 13.16 -15.69
C LEU A 161 10.36 14.35 -16.46
N VAL A 162 9.59 14.86 -17.43
CA VAL A 162 9.91 16.10 -18.15
C VAL A 162 9.78 17.22 -17.12
N GLY A 163 10.79 18.08 -17.03
CA GLY A 163 10.78 19.19 -16.06
C GLY A 163 11.46 18.86 -14.74
N GLY A 164 11.88 17.61 -14.53
CA GLY A 164 12.62 17.16 -13.35
C GLY A 164 11.70 16.40 -12.42
N GLY A 165 12.30 15.63 -11.53
CA GLY A 165 11.58 14.76 -10.60
C GLY A 165 11.31 13.38 -11.20
N HIS A 166 10.65 12.56 -10.39
CA HIS A 166 10.55 11.11 -10.63
C HIS A 166 9.14 10.69 -10.26
N LEU A 167 8.65 9.70 -10.95
CA LEU A 167 7.42 8.99 -10.54
C LEU A 167 7.88 7.63 -10.02
N HIS A 168 7.67 7.33 -8.76
CA HIS A 168 8.18 6.11 -8.10
C HIS A 168 7.25 4.94 -8.40
N CYS A 169 7.80 3.75 -8.45
CA CYS A 169 7.07 2.52 -8.72
C CYS A 169 7.71 1.39 -7.89
N ASN A 170 6.90 0.66 -7.16
CA ASN A 170 7.36 -0.55 -6.42
C ASN A 170 7.01 -1.80 -7.22
N PHE A 171 7.97 -2.70 -7.38
CA PHE A 171 7.87 -3.95 -8.16
C PHE A 171 7.96 -5.14 -7.21
N LYS A 172 7.01 -6.02 -7.27
CA LYS A 172 7.11 -7.31 -6.55
C LYS A 172 6.90 -8.39 -7.61
N THR A 173 7.81 -9.33 -7.69
CA THR A 173 7.82 -10.33 -8.72
C THR A 173 8.02 -11.69 -8.03
N THR A 174 7.33 -12.72 -8.47
CA THR A 174 7.74 -14.12 -8.18
C THR A 174 8.20 -14.83 -9.45
N TYR A 175 9.36 -15.46 -9.37
CA TYR A 175 9.94 -16.19 -10.52
C TYR A 175 9.86 -17.67 -10.21
N LYS A 176 9.24 -18.46 -11.12
CA LYS A 176 9.02 -19.92 -10.89
C LYS A 176 9.58 -20.77 -12.04
N SER A 177 10.51 -21.64 -11.73
CA SER A 177 11.09 -22.60 -12.67
C SER A 177 9.97 -23.59 -13.02
N LYS A 178 9.83 -23.96 -14.28
CA LYS A 178 9.03 -25.13 -14.68
C LYS A 178 9.81 -26.44 -14.52
N LYS A 179 11.06 -26.40 -14.04
CA LYS A 179 11.86 -27.63 -13.78
C LYS A 179 11.52 -28.13 -12.38
N PRO A 180 11.59 -29.45 -12.09
CA PRO A 180 11.51 -29.91 -10.69
C PRO A 180 12.69 -29.42 -9.82
N ALA A 181 12.39 -29.01 -8.57
CA ALA A 181 13.28 -28.34 -7.57
C ALA A 181 14.51 -29.20 -7.23
N LYS A 182 14.43 -30.51 -7.43
CA LYS A 182 15.51 -31.48 -7.16
C LYS A 182 16.64 -31.30 -8.18
N ASN A 183 16.36 -30.65 -9.32
CA ASN A 183 17.33 -30.49 -10.43
C ASN A 183 17.96 -29.09 -10.40
N LEU A 184 17.56 -28.24 -9.43
CA LEU A 184 18.02 -26.82 -9.33
C LEU A 184 18.89 -26.68 -8.09
N LYS A 185 20.02 -25.98 -8.23
CA LYS A 185 20.76 -25.47 -7.07
C LYS A 185 20.23 -24.06 -6.76
N MET A 186 19.67 -23.84 -5.57
CA MET A 186 19.01 -22.55 -5.22
C MET A 186 20.08 -21.52 -4.88
N PRO A 187 19.98 -20.28 -5.41
CA PRO A 187 20.94 -19.27 -4.99
C PRO A 187 20.56 -18.85 -3.56
N GLY A 188 21.46 -18.19 -2.86
CA GLY A 188 21.10 -17.39 -1.68
C GLY A 188 20.45 -16.08 -2.11
N VAL A 189 20.18 -15.22 -1.13
CA VAL A 189 19.77 -13.82 -1.39
C VAL A 189 20.86 -13.15 -2.25
N HIS A 190 20.48 -12.45 -3.30
CA HIS A 190 21.44 -11.75 -4.15
C HIS A 190 20.74 -10.58 -4.82
N TYR A 191 21.48 -9.84 -5.62
CA TYR A 191 21.09 -8.51 -6.09
C TYR A 191 21.35 -8.54 -7.59
N VAL A 192 20.57 -7.84 -8.37
CA VAL A 192 20.74 -7.75 -9.82
C VAL A 192 20.69 -6.26 -10.12
N ASP A 193 21.80 -5.71 -10.58
CA ASP A 193 21.89 -4.29 -10.96
C ASP A 193 21.47 -4.25 -12.43
N ARG A 194 20.70 -3.25 -12.83
CA ARG A 194 20.17 -3.15 -14.20
C ARG A 194 20.19 -1.71 -14.67
N ARG A 195 20.40 -1.52 -15.96
CA ARG A 195 20.19 -0.24 -16.64
C ARG A 195 19.41 -0.54 -17.89
N LEU A 196 18.20 -0.02 -17.96
CA LEU A 196 17.32 -0.18 -19.17
C LEU A 196 17.33 1.15 -19.91
N GLU A 197 17.68 1.13 -21.19
CA GLU A 197 17.78 2.38 -21.98
C GLU A 197 16.97 2.24 -23.27
N ARG A 198 16.12 3.21 -23.57
CA ARG A 198 15.54 3.32 -24.93
C ARG A 198 16.63 3.89 -25.83
N ILE A 199 17.02 3.17 -26.88
CA ILE A 199 18.10 3.58 -27.83
C ILE A 199 17.50 4.19 -29.12
N LYS A 200 16.20 4.01 -29.39
CA LYS A 200 15.58 4.49 -30.65
C LYS A 200 14.06 4.36 -30.53
N GLU A 201 13.28 5.23 -31.17
CA GLU A 201 11.82 5.08 -31.24
C GLU A 201 11.38 5.70 -32.56
N ALA A 202 10.26 5.27 -33.10
CA ALA A 202 9.60 5.92 -34.25
C ALA A 202 8.08 5.78 -34.14
N ASP A 203 7.35 6.63 -34.88
CA ASP A 203 5.90 6.47 -35.12
C ASP A 203 5.18 6.48 -33.76
N ASN A 204 5.38 7.55 -32.95
CA ASN A 204 4.57 7.81 -31.74
C ASN A 204 4.68 6.59 -30.84
N GLU A 205 5.91 6.16 -30.62
CA GLU A 205 6.29 5.01 -29.77
C GLU A 205 5.60 3.74 -30.25
N THR A 206 5.36 3.50 -31.53
CA THR A 206 4.83 2.16 -31.97
C THR A 206 5.97 1.23 -32.36
N TYR A 207 7.17 1.80 -32.48
CA TYR A 207 8.45 1.15 -32.75
C TYR A 207 9.44 1.63 -31.69
N VAL A 208 10.00 0.68 -30.94
CA VAL A 208 10.92 0.99 -29.80
C VAL A 208 12.05 -0.04 -29.78
N GLU A 209 13.27 0.47 -29.70
CA GLU A 209 14.50 -0.34 -29.46
C GLU A 209 14.98 -0.08 -28.02
N GLN A 210 14.99 -1.13 -27.21
CA GLN A 210 15.50 -1.08 -25.83
C GLN A 210 16.82 -1.86 -25.71
N HIS A 211 17.72 -1.38 -24.86
CA HIS A 211 18.93 -2.12 -24.45
C HIS A 211 18.83 -2.34 -22.94
N GLU A 212 19.25 -3.48 -22.46
CA GLU A 212 19.34 -3.72 -21.01
C GLU A 212 20.66 -4.39 -20.72
N VAL A 213 21.30 -3.98 -19.63
CA VAL A 213 22.44 -4.69 -19.05
C VAL A 213 22.02 -5.04 -17.63
N ALA A 214 22.21 -6.30 -17.24
CA ALA A 214 21.84 -6.83 -15.93
C ALA A 214 22.97 -7.71 -15.41
N VAL A 215 23.43 -7.43 -14.21
CA VAL A 215 24.57 -8.17 -13.63
C VAL A 215 24.14 -8.57 -12.19
N ALA A 216 24.27 -9.85 -11.86
CA ALA A 216 23.93 -10.39 -10.53
C ALA A 216 25.17 -10.30 -9.63
N ARG A 217 24.99 -10.15 -8.31
CA ARG A 217 26.11 -10.21 -7.32
C ARG A 217 25.58 -10.56 -5.93
N TYR A 218 26.41 -11.22 -5.15
CA TYR A 218 26.34 -11.18 -3.68
C TYR A 218 26.63 -9.76 -3.20
N CYS A 219 26.30 -9.53 -1.95
CA CYS A 219 26.66 -8.27 -1.27
C CYS A 219 28.14 -8.35 -0.93
N ASP A 220 28.94 -7.46 -1.51
CA ASP A 220 30.41 -7.48 -1.40
C ASP A 220 30.92 -6.63 -0.24
N LEU A 221 30.06 -6.04 0.60
CA LEU A 221 30.50 -5.22 1.76
C LEU A 221 31.12 -6.13 2.79
N PRO A 222 32.10 -5.62 3.56
CA PRO A 222 32.68 -6.37 4.67
C PRO A 222 31.61 -6.79 5.67
N SER A 223 31.85 -7.94 6.31
CA SER A 223 30.94 -8.60 7.29
C SER A 223 31.74 -8.84 8.54
N LYS A 224 31.22 -8.39 9.68
CA LYS A 224 31.89 -8.56 11.01
C LYS A 224 31.67 -10.01 11.45
N LEU A 225 30.48 -10.57 11.19
CA LEU A 225 30.02 -11.90 11.69
C LEU A 225 30.71 -13.05 10.94
N GLU B 2 35.92 20.78 7.42
CA GLU B 2 34.57 20.24 7.61
C GLU B 2 34.40 19.93 9.11
N LEU B 3 33.15 19.84 9.56
CA LEU B 3 32.80 19.45 10.94
C LEU B 3 32.79 17.94 11.14
N ILE B 4 32.75 17.14 10.07
CA ILE B 4 32.70 15.65 10.22
C ILE B 4 34.14 15.14 10.04
N LYS B 5 34.73 14.59 11.10
CA LYS B 5 36.14 14.16 11.03
C LYS B 5 36.20 12.68 10.69
N GLU B 6 37.42 12.20 10.57
CA GLU B 6 37.73 10.82 10.17
C GLU B 6 37.18 9.85 11.22
N ASN B 7 37.13 10.28 12.47
CA ASN B 7 36.52 9.50 13.59
C ASN B 7 35.49 10.39 14.28
N MET B 8 34.31 9.86 14.61
CA MET B 8 33.22 10.63 15.28
C MET B 8 32.46 9.69 16.21
N HIS B 9 31.93 10.24 17.27
CA HIS B 9 31.02 9.51 18.18
C HIS B 9 29.64 10.15 18.10
N SER B 10 28.65 9.37 18.58
CA SER B 10 27.22 9.75 18.57
C SER B 10 26.59 9.32 19.89
N LYS B 11 25.50 9.97 20.21
CA LYS B 11 24.69 9.68 21.41
C LYS B 11 23.26 9.74 20.92
N LEU B 12 22.44 8.78 21.30
CA LEU B 12 21.07 8.70 20.77
C LEU B 12 20.13 8.61 21.95
N TYR B 13 18.98 9.22 21.79
CA TYR B 13 17.83 9.06 22.71
C TYR B 13 16.63 8.67 21.86
N LEU B 14 15.93 7.63 22.30
CA LEU B 14 14.76 7.12 21.56
C LEU B 14 13.60 6.87 22.52
N GLU B 15 12.43 7.38 22.13
CA GLU B 15 11.14 7.16 22.80
C GLU B 15 10.21 6.47 21.80
N GLY B 16 9.54 5.42 22.23
CA GLY B 16 8.62 4.75 21.29
C GLY B 16 7.49 4.01 21.96
N SER B 17 6.61 3.56 21.11
CA SER B 17 5.44 2.72 21.44
C SER B 17 5.24 1.76 20.27
N VAL B 18 5.15 0.46 20.55
CA VAL B 18 4.82 -0.58 19.53
C VAL B 18 3.66 -1.41 20.07
N ASN B 19 2.52 -1.35 19.38
CA ASN B 19 1.24 -1.98 19.82
C ASN B 19 0.93 -1.52 21.25
N GLY B 20 1.15 -0.25 21.59
CA GLY B 20 0.81 0.33 22.90
C GLY B 20 1.86 0.05 23.97
N HIS B 21 2.89 -0.75 23.71
CA HIS B 21 3.99 -0.94 24.69
C HIS B 21 4.99 0.22 24.59
N GLN B 22 5.07 1.06 25.64
CA GLN B 22 5.99 2.23 25.67
C GLN B 22 7.38 1.86 26.14
N PHE B 23 8.40 2.50 25.59
CA PHE B 23 9.79 2.15 25.92
C PHE B 23 10.67 3.32 25.56
N LYS B 24 11.87 3.29 26.15
CA LYS B 24 12.95 4.25 25.82
C LYS B 24 14.24 3.47 25.63
N CYS B 25 15.09 4.00 24.75
CA CYS B 25 16.42 3.45 24.47
C CYS B 25 17.42 4.60 24.41
N THR B 26 18.68 4.30 24.67
CA THR B 26 19.82 5.22 24.45
C THR B 26 20.86 4.41 23.68
N HIS B 27 21.79 5.08 23.03
CA HIS B 27 23.00 4.42 22.51
C HIS B 27 24.14 5.39 22.69
N GLU B 28 25.34 4.81 22.69
CA GLU B 28 26.63 5.48 22.51
C GLU B 28 27.23 4.75 21.33
N GLY B 29 27.88 5.49 20.46
CA GLY B 29 28.32 4.95 19.19
C GLY B 29 29.58 5.61 18.73
N GLU B 30 30.25 4.96 17.82
CA GLU B 30 31.43 5.58 17.16
C GLU B 30 31.63 4.91 15.82
N GLY B 31 32.27 5.66 14.91
CA GLY B 31 32.47 5.22 13.53
C GLY B 31 33.45 6.09 12.81
N LYS B 32 33.56 5.77 11.55
CA LYS B 32 34.53 6.36 10.62
C LYS B 32 33.68 6.88 9.47
N PRO B 33 33.21 8.12 9.54
CA PRO B 33 32.23 8.62 8.59
C PRO B 33 32.67 8.54 7.13
N TYR B 34 33.94 8.57 6.82
CA TYR B 34 34.36 8.50 5.40
C TYR B 34 34.64 7.07 4.94
N GLU B 35 34.71 6.11 5.86
CA GLU B 35 34.86 4.68 5.51
C GLU B 35 33.48 4.03 5.58
N GLY B 36 32.46 4.74 6.03
CA GLY B 36 31.07 4.26 6.08
C GLY B 36 30.84 3.16 7.11
N THR B 37 31.60 3.09 8.21
CA THR B 37 31.38 2.07 9.25
C THR B 37 31.06 2.74 10.58
N GLN B 38 30.27 2.04 11.40
CA GLN B 38 30.01 2.48 12.78
C GLN B 38 29.51 1.33 13.63
N THR B 39 29.67 1.51 14.92
CA THR B 39 29.22 0.54 15.93
C THR B 39 28.47 1.31 16.99
N ASN B 40 27.39 0.75 17.46
CA ASN B 40 26.65 1.35 18.59
C ASN B 40 26.32 0.32 19.65
N ARG B 41 26.16 0.83 20.86
CA ARG B 41 25.88 0.05 22.08
C ARG B 41 24.54 0.56 22.59
N ILE B 42 23.51 -0.24 22.43
CA ILE B 42 22.12 0.25 22.62
C ILE B 42 21.64 -0.34 23.94
N LYS B 43 21.03 0.48 24.80
CA LYS B 43 20.33 -0.02 26.00
C LYS B 43 18.86 0.33 25.89
N VAL B 44 17.98 -0.60 26.25
CA VAL B 44 16.55 -0.32 26.53
C VAL B 44 16.47 0.13 27.98
N VAL B 45 16.21 1.41 28.21
CA VAL B 45 16.33 2.05 29.56
C VAL B 45 14.95 2.11 30.23
N GLU B 46 13.85 1.99 29.47
CA GLU B 46 12.47 1.87 30.01
C GLU B 46 11.63 0.90 29.16
N GLY B 47 10.78 0.15 29.84
CA GLY B 47 9.78 -0.71 29.20
C GLY B 47 10.36 -2.04 28.78
N GLY B 48 11.58 -2.35 29.22
CA GLY B 48 12.27 -3.63 28.90
C GLY B 48 11.88 -4.74 29.87
N PRO B 49 11.95 -6.04 29.51
CA PRO B 49 12.22 -6.48 28.13
C PRO B 49 11.06 -6.18 27.16
N LEU B 50 11.35 -5.92 25.87
CA LEU B 50 10.29 -5.59 24.88
C LEU B 50 9.50 -6.85 24.54
N PRO B 51 8.16 -6.77 24.35
CA PRO B 51 7.37 -7.93 23.91
C PRO B 51 7.41 -8.22 22.40
N PHE B 52 8.33 -7.59 21.65
CA PHE B 52 8.44 -7.68 20.18
C PHE B 52 9.92 -7.74 19.83
N ALA B 53 10.22 -8.17 18.63
CA ALA B 53 11.58 -8.32 18.07
C ALA B 53 12.26 -6.96 18.05
N PHE B 54 13.41 -6.86 18.74
CA PHE B 54 14.25 -5.65 18.73
C PHE B 54 14.66 -5.30 17.29
N ASP B 55 14.86 -6.32 16.46
CA ASP B 55 15.13 -6.19 14.99
C ASP B 55 14.33 -5.05 14.32
N ILE B 56 13.09 -4.84 14.67
CA ILE B 56 12.27 -3.80 13.96
C ILE B 56 12.77 -2.41 14.34
N LEU B 57 13.49 -2.24 15.44
CA LEU B 57 14.10 -0.94 15.81
C LEU B 57 15.50 -0.76 15.23
N ALA B 58 16.14 -1.77 14.61
CA ALA B 58 17.60 -1.72 14.38
C ALA B 58 17.97 -0.55 13.48
N THR B 59 17.14 -0.21 12.49
CA THR B 59 17.43 0.87 11.50
C THR B 59 17.13 2.24 12.10
N MET B 60 16.58 2.31 13.30
CA MET B 60 16.32 3.61 13.97
C MET B 60 17.61 4.25 14.48
N PHE B 61 18.67 3.46 14.69
CA PHE B 61 19.87 3.82 15.48
C PHE B 61 21.01 4.26 14.56
N SER B 63 21.77 6.63 10.92
CA SER B 63 23.04 7.32 11.24
C SER B 63 23.73 7.63 9.92
N LYS B 64 23.18 8.60 9.18
CA LYS B 64 23.43 8.81 7.74
C LYS B 64 24.72 9.58 7.47
N ALA B 65 25.30 10.19 8.49
CA ALA B 65 26.62 10.89 8.38
C ALA B 65 27.78 9.89 8.15
N PHE B 66 27.60 8.62 8.48
CA PHE B 66 28.57 7.50 8.38
C PHE B 66 28.34 6.69 7.09
N ILE B 67 28.07 7.37 6.01
CA ILE B 67 28.02 6.75 4.67
C ILE B 67 29.27 7.16 3.91
N LYS B 68 29.95 6.20 3.30
CA LYS B 68 31.07 6.43 2.42
C LYS B 68 30.51 6.95 1.12
N TYR B 69 30.80 8.20 0.81
CA TYR B 69 30.45 8.82 -0.49
C TYR B 69 31.73 8.92 -1.34
N PRO B 70 31.79 8.37 -2.57
CA PRO B 70 32.93 8.58 -3.42
C PRO B 70 33.00 10.07 -3.82
N LYS B 71 34.17 10.50 -4.23
CA LYS B 71 34.42 11.87 -4.78
C LYS B 71 33.49 12.12 -5.98
N GLY B 72 32.90 13.31 -6.05
CA GLY B 72 32.00 13.73 -7.13
C GLY B 72 30.58 13.27 -6.89
N LEU B 73 30.29 12.51 -5.83
CA LEU B 73 28.88 12.26 -5.42
C LEU B 73 28.62 13.08 -4.17
N PRO B 74 27.87 14.20 -4.27
CA PRO B 74 27.66 15.06 -3.11
C PRO B 74 26.99 14.28 -1.97
N ASP B 75 27.42 14.57 -0.74
CA ASP B 75 27.00 13.91 0.52
C ASP B 75 26.09 14.88 1.25
N TYR B 76 24.79 14.75 1.06
CA TYR B 76 23.72 15.60 1.59
C TYR B 76 23.80 15.68 3.10
N PHE B 77 24.12 14.56 3.73
CA PHE B 77 24.18 14.42 5.22
C PHE B 77 25.34 15.23 5.82
N LYS B 78 26.58 15.00 5.32
CA LYS B 78 27.79 15.69 5.83
C LYS B 78 27.68 17.19 5.50
N GLN B 79 27.12 17.56 4.35
CA GLN B 79 27.00 18.99 3.98
C GLN B 79 26.09 19.72 4.94
N SER B 80 25.20 19.04 5.67
CA SER B 80 24.09 19.64 6.43
C SER B 80 24.63 20.30 7.71
N PHE B 81 25.84 19.97 8.12
CA PHE B 81 26.43 20.52 9.38
C PHE B 81 26.95 21.93 9.13
N PRO B 82 26.94 22.82 10.15
CA PRO B 82 26.56 22.49 11.53
C PRO B 82 25.09 22.25 11.91
N GLU B 83 24.13 22.65 11.09
CA GLU B 83 22.68 22.65 11.48
C GLU B 83 22.16 21.21 11.64
N GLY B 84 22.64 20.28 10.82
CA GLY B 84 22.12 18.90 10.89
C GLY B 84 20.92 18.72 9.99
N PHE B 85 20.30 17.58 10.13
CA PHE B 85 19.18 17.17 9.28
C PHE B 85 18.21 16.39 10.16
N THR B 86 17.05 16.09 9.60
CA THR B 86 16.00 15.19 10.13
C THR B 86 15.71 14.10 9.11
N TRP B 87 15.14 13.00 9.58
CA TRP B 87 14.52 12.05 8.66
C TRP B 87 13.17 11.65 9.26
N GLU B 88 12.30 11.27 8.36
CA GLU B 88 10.93 10.81 8.67
C GLU B 88 10.72 9.55 7.84
N ARG B 89 10.26 8.50 8.50
CA ARG B 89 10.30 7.17 7.88
C ARG B 89 9.00 6.43 8.14
N THR B 90 8.56 5.72 7.12
CA THR B 90 7.42 4.80 7.23
C THR B 90 7.95 3.42 6.92
N MET B 91 7.69 2.46 7.78
CA MET B 91 7.98 1.04 7.53
C MET B 91 6.65 0.30 7.55
N VAL B 92 6.35 -0.35 6.45
CA VAL B 92 5.09 -1.11 6.20
C VAL B 92 5.53 -2.54 5.98
N PHE B 93 5.25 -3.38 6.98
CA PHE B 93 5.53 -4.83 6.90
C PHE B 93 4.40 -5.47 6.09
N GLU B 94 4.71 -6.54 5.36
CA GLU B 94 3.78 -7.23 4.44
C GLU B 94 2.65 -7.88 5.24
N ASP B 95 2.82 -8.17 6.53
CA ASP B 95 1.76 -8.80 7.39
C ASP B 95 1.00 -7.76 8.23
N GLY B 96 1.14 -6.47 7.96
CA GLY B 96 0.19 -5.44 8.42
C GLY B 96 0.81 -4.39 9.33
N GLY B 97 1.92 -4.70 10.00
CA GLY B 97 2.51 -3.76 10.97
C GLY B 97 3.00 -2.49 10.31
N VAL B 98 2.84 -1.36 10.97
CA VAL B 98 3.28 -0.05 10.43
C VAL B 98 4.03 0.65 11.52
N LEU B 99 5.17 1.21 11.19
CA LEU B 99 6.02 1.97 12.15
C LEU B 99 6.29 3.31 11.51
N THR B 100 5.99 4.41 12.19
CA THR B 100 6.42 5.75 11.71
C THR B 100 7.40 6.28 12.74
N ALA B 101 8.43 6.94 12.26
CA ALA B 101 9.58 7.34 13.07
C ALA B 101 10.13 8.63 12.50
N THR B 102 10.51 9.51 13.40
CA THR B 102 11.17 10.78 13.04
C THR B 102 12.43 10.87 13.87
N GLN B 103 13.41 11.51 13.26
CA GLN B 103 14.74 11.60 13.85
C GLN B 103 15.19 13.04 13.63
N ASP B 104 15.78 13.60 14.65
CA ASP B 104 16.59 14.83 14.55
C ASP B 104 18.06 14.46 14.76
N THR B 105 18.91 14.81 13.81
CA THR B 105 20.39 14.73 13.96
C THR B 105 20.96 16.13 14.14
N SER B 106 21.63 16.36 15.28
CA SER B 106 22.39 17.61 15.48
C SER B 106 23.84 17.28 15.83
N LEU B 107 24.68 18.31 15.83
CA LEU B 107 26.11 18.25 16.15
C LEU B 107 26.32 19.24 17.31
N GLN B 108 26.64 18.73 18.50
CA GLN B 108 26.80 19.57 19.72
C GLN B 108 28.13 19.19 20.34
N ASP B 109 29.06 20.14 20.37
CA ASP B 109 30.38 19.95 21.03
C ASP B 109 31.00 18.68 20.46
N GLY B 110 31.02 18.56 19.12
CA GLY B 110 31.79 17.54 18.40
C GLY B 110 31.16 16.15 18.44
N CYS B 111 30.01 15.99 19.14
CA CYS B 111 29.24 14.72 19.27
C CYS B 111 27.97 14.79 18.40
N LEU B 112 27.69 13.75 17.62
CA LEU B 112 26.44 13.66 16.82
C LEU B 112 25.31 13.28 17.79
N ILE B 113 24.25 14.05 17.81
CA ILE B 113 23.16 13.82 18.80
C ILE B 113 21.94 13.38 18.02
N TYR B 114 21.42 12.21 18.33
CA TYR B 114 20.23 11.65 17.62
C TYR B 114 19.05 11.61 18.58
N ASN B 115 17.95 12.19 18.16
CA ASN B 115 16.69 12.13 18.93
C ASN B 115 15.63 11.44 18.08
N VAL B 116 15.16 10.29 18.50
CA VAL B 116 14.25 9.45 17.69
C VAL B 116 12.94 9.35 18.44
N LYS B 117 11.83 9.57 17.73
CA LYS B 117 10.49 9.22 18.25
C LYS B 117 9.82 8.25 17.29
N LEU B 118 9.26 7.17 17.81
CA LEU B 118 8.58 6.26 16.87
C LEU B 118 7.26 5.77 17.44
N ARG B 119 6.35 5.36 16.54
CA ARG B 119 5.05 4.77 16.87
C ARG B 119 4.79 3.64 15.88
N GLY B 120 4.62 2.46 16.41
CA GLY B 120 4.22 1.29 15.60
C GLY B 120 2.90 0.71 16.06
N VAL B 121 2.07 0.29 15.13
CA VAL B 121 0.70 -0.19 15.43
C VAL B 121 0.39 -1.33 14.49
N ASN B 122 -0.60 -2.13 14.86
N ASN B 122 -0.59 -2.13 14.88
CA ASN B 122 -1.21 -3.18 14.00
CA ASN B 122 -1.24 -3.17 14.03
C ASN B 122 -0.21 -4.30 13.69
C ASN B 122 -0.23 -4.27 13.70
N PHE B 123 0.74 -4.58 14.57
CA PHE B 123 1.59 -5.78 14.45
C PHE B 123 0.72 -6.96 14.86
N PRO B 124 0.54 -7.98 14.02
CA PRO B 124 -0.31 -9.10 14.39
C PRO B 124 0.31 -9.87 15.57
N ALA B 125 -0.52 -10.25 16.54
CA ALA B 125 -0.15 -11.03 17.73
C ALA B 125 0.57 -12.34 17.33
N ASN B 126 0.25 -12.93 16.18
CA ASN B 126 0.77 -14.24 15.72
C ASN B 126 1.94 -14.04 14.72
N GLY B 127 2.38 -12.81 14.46
CA GLY B 127 3.41 -12.60 13.42
C GLY B 127 4.81 -12.79 13.99
N PRO B 128 5.83 -12.88 13.12
CA PRO B 128 7.21 -13.02 13.58
C PRO B 128 7.75 -11.92 14.53
N VAL B 129 7.20 -10.72 14.42
CA VAL B 129 7.65 -9.55 15.23
C VAL B 129 7.19 -9.74 16.67
N MET B 130 5.91 -10.03 16.89
CA MET B 130 5.34 -10.20 18.26
C MET B 130 5.79 -11.55 18.84
N LYS B 131 6.07 -12.54 17.99
CA LYS B 131 6.48 -13.89 18.47
C LYS B 131 7.99 -13.95 18.61
N GLN B 132 8.71 -12.97 18.08
CA GLN B 132 10.18 -12.88 18.23
C GLN B 132 10.83 -14.10 17.54
N THR B 133 10.48 -14.34 16.29
CA THR B 133 11.17 -15.39 15.49
C THR B 133 11.96 -14.74 14.34
N THR B 134 12.57 -13.58 14.55
CA THR B 134 13.38 -12.88 13.50
C THR B 134 14.86 -13.05 13.84
N LEU B 135 15.73 -13.00 12.84
CA LEU B 135 17.20 -13.20 12.94
C LEU B 135 17.98 -12.09 12.23
N GLY B 136 17.48 -10.86 12.21
CA GLY B 136 18.26 -9.75 11.65
C GLY B 136 17.88 -9.45 10.19
N TRP B 137 18.40 -8.35 9.69
CA TRP B 137 18.06 -7.85 8.34
C TRP B 137 19.08 -8.35 7.32
N GLU B 138 18.62 -8.71 6.12
CA GLU B 138 19.48 -8.95 4.98
C GLU B 138 20.13 -7.61 4.63
N PRO B 139 21.30 -7.64 4.01
CA PRO B 139 21.86 -6.46 3.36
C PRO B 139 20.88 -5.90 2.32
N SER B 140 20.95 -4.59 2.12
CA SER B 140 19.95 -3.91 1.29
C SER B 140 20.61 -2.78 0.54
N THR B 141 19.90 -2.33 -0.46
CA THR B 141 20.25 -1.20 -1.31
C THR B 141 19.09 -0.19 -1.22
N GLU B 142 19.36 1.00 -0.73
CA GLU B 142 18.40 2.11 -0.72
C GLU B 142 18.65 2.97 -1.97
N THR B 143 17.60 3.43 -2.63
CA THR B 143 17.75 4.39 -3.73
C THR B 143 17.36 5.74 -3.19
N LEU B 144 18.18 6.75 -3.45
CA LEU B 144 18.01 8.10 -2.91
C LEU B 144 17.77 9.00 -4.12
N TYR B 145 16.66 9.71 -4.11
CA TYR B 145 16.19 10.59 -5.19
C TYR B 145 16.08 12.01 -4.67
N PRO B 146 16.63 13.02 -5.36
CA PRO B 146 16.48 14.43 -5.00
C PRO B 146 15.06 14.90 -5.34
N ALA B 147 14.46 15.70 -4.46
CA ALA B 147 13.04 16.13 -4.55
C ALA B 147 12.84 17.37 -3.66
N ASP B 148 12.86 18.55 -4.27
CA ASP B 148 12.55 19.85 -3.63
C ASP B 148 13.39 20.05 -2.34
N GLY B 149 14.71 19.99 -2.42
CA GLY B 149 15.59 20.28 -1.27
C GLY B 149 15.82 19.07 -0.38
N ALA B 150 14.97 18.04 -0.45
CA ALA B 150 15.01 16.82 0.41
C ALA B 150 15.47 15.63 -0.43
N LEU B 151 16.00 14.60 0.21
CA LEU B 151 16.25 13.31 -0.43
C LEU B 151 15.15 12.35 -0.02
N GLU B 152 14.63 11.62 -1.00
CA GLU B 152 13.64 10.55 -0.79
C GLU B 152 14.37 9.22 -0.97
N GLY B 153 14.24 8.38 0.04
CA GLY B 153 14.87 7.07 0.11
C GLY B 153 13.81 5.99 0.03
N ARG B 154 14.08 4.96 -0.75
CA ARG B 154 13.15 3.82 -0.99
C ARG B 154 13.98 2.57 -0.87
N CYS B 155 13.50 1.61 -0.10
CA CYS B 155 14.25 0.38 0.18
C CYS B 155 13.23 -0.71 0.43
N ASP B 156 13.44 -1.88 -0.15
CA ASP B 156 12.71 -3.11 0.22
C ASP B 156 13.68 -3.93 1.05
N MET B 157 13.33 -4.15 2.31
CA MET B 157 14.24 -4.82 3.25
C MET B 157 13.53 -6.09 3.72
N ALA B 158 14.28 -7.06 4.22
CA ALA B 158 13.70 -8.34 4.64
C ALA B 158 14.38 -8.78 5.90
N LEU B 159 13.56 -9.11 6.89
CA LEU B 159 14.05 -9.78 8.12
C LEU B 159 14.19 -11.26 7.86
N LYS B 160 15.25 -11.90 8.29
CA LYS B 160 15.38 -13.36 8.18
C LYS B 160 14.51 -13.93 9.29
N LEU B 161 13.92 -15.10 9.08
CA LEU B 161 13.05 -15.75 10.07
C LEU B 161 13.67 -17.07 10.52
N VAL B 162 13.36 -17.49 11.75
CA VAL B 162 13.71 -18.84 12.24
C VAL B 162 13.04 -19.79 11.28
N GLY B 163 13.79 -20.69 10.67
CA GLY B 163 13.26 -21.64 9.69
C GLY B 163 13.59 -21.26 8.25
N GLY B 164 14.06 -20.05 7.96
CA GLY B 164 14.74 -19.73 6.69
C GLY B 164 13.97 -18.83 5.76
N GLY B 165 12.75 -18.41 6.07
CA GLY B 165 12.08 -17.46 5.14
C GLY B 165 12.40 -16.01 5.43
N HIS B 166 11.57 -15.12 4.92
CA HIS B 166 11.75 -13.66 5.10
C HIS B 166 10.42 -13.03 5.42
N LEU B 167 10.46 -11.96 6.21
CA LEU B 167 9.34 -11.03 6.40
C LEU B 167 9.76 -9.73 5.70
N HIS B 168 9.05 -9.34 4.66
CA HIS B 168 9.40 -8.15 3.84
C HIS B 168 8.80 -6.91 4.48
N CYS B 169 9.46 -5.80 4.21
CA CYS B 169 9.11 -4.51 4.78
C CYS B 169 9.45 -3.45 3.74
N ASN B 170 8.55 -2.55 3.44
CA ASN B 170 8.83 -1.45 2.51
C ASN B 170 9.14 -0.19 3.37
N PHE B 171 10.25 0.46 3.11
CA PHE B 171 10.72 1.69 3.79
C PHE B 171 10.62 2.86 2.82
N LYS B 172 10.02 3.93 3.27
CA LYS B 172 9.98 5.23 2.56
C LYS B 172 10.50 6.23 3.53
N THR B 173 11.57 6.90 3.18
CA THR B 173 12.18 7.86 4.11
C THR B 173 12.32 9.20 3.38
N THR B 174 12.09 10.29 4.08
CA THR B 174 12.43 11.64 3.57
C THR B 174 13.51 12.19 4.49
N TYR B 175 14.62 12.60 3.89
CA TYR B 175 15.75 13.21 4.59
C TYR B 175 15.75 14.70 4.29
N LYS B 176 15.73 15.54 5.34
CA LYS B 176 15.58 17.00 5.19
C LYS B 176 16.68 17.70 5.96
N SER B 177 17.56 18.37 5.23
CA SER B 177 18.56 19.25 5.85
C SER B 177 17.84 20.37 6.59
N LYS B 178 18.44 20.85 7.65
CA LYS B 178 18.01 22.05 8.36
C LYS B 178 18.68 23.28 7.74
N LYS B 179 19.58 23.11 6.76
CA LYS B 179 20.04 24.23 5.90
C LYS B 179 18.96 24.50 4.87
N PRO B 180 18.79 25.75 4.42
CA PRO B 180 17.92 26.02 3.26
C PRO B 180 18.42 25.38 1.96
N ALA B 181 17.50 24.84 1.13
CA ALA B 181 17.79 24.07 -0.12
C ALA B 181 18.79 24.77 -1.06
N LYS B 182 18.92 26.10 -1.01
CA LYS B 182 19.88 26.90 -1.82
C LYS B 182 21.31 26.80 -1.24
N ASN B 183 21.48 26.26 -0.01
CA ASN B 183 22.82 26.09 0.62
C ASN B 183 23.28 24.62 0.57
N LEU B 184 22.63 23.80 -0.25
CA LEU B 184 23.03 22.39 -0.39
C LEU B 184 23.26 22.02 -1.84
N LYS B 185 24.30 21.25 -2.09
CA LYS B 185 24.51 20.65 -3.43
C LYS B 185 23.74 19.33 -3.41
N MET B 186 22.69 19.25 -4.21
CA MET B 186 21.83 18.06 -4.31
C MET B 186 22.55 17.02 -5.14
N PRO B 187 22.63 15.76 -4.65
CA PRO B 187 23.15 14.66 -5.47
C PRO B 187 22.11 14.33 -6.54
N GLY B 188 22.52 13.71 -7.64
CA GLY B 188 21.63 12.99 -8.57
C GLY B 188 21.19 11.70 -7.88
N VAL B 189 20.34 10.92 -8.56
CA VAL B 189 19.86 9.62 -8.07
C VAL B 189 21.05 8.72 -7.76
N HIS B 190 21.07 8.03 -6.63
CA HIS B 190 22.25 7.21 -6.29
C HIS B 190 21.80 6.12 -5.35
N TYR B 191 22.73 5.28 -4.94
CA TYR B 191 22.42 3.98 -4.31
C TYR B 191 23.30 3.88 -3.10
N VAL B 192 22.77 3.37 -2.00
CA VAL B 192 23.56 3.16 -0.78
C VAL B 192 23.42 1.68 -0.43
N ASP B 193 24.51 0.94 -0.50
CA ASP B 193 24.57 -0.48 -0.09
C ASP B 193 24.84 -0.51 1.40
N ARG B 194 24.06 -1.27 2.16
CA ARG B 194 24.18 -1.34 3.62
C ARG B 194 24.17 -2.77 4.12
N ARG B 195 24.95 -3.03 5.15
CA ARG B 195 24.87 -4.32 5.89
C ARG B 195 24.77 -3.95 7.36
N LEU B 196 23.68 -4.29 7.99
CA LEU B 196 23.52 -4.01 9.42
C LEU B 196 23.59 -5.36 10.09
N GLU B 197 24.56 -5.55 10.98
CA GLU B 197 24.73 -6.80 11.75
C GLU B 197 24.63 -6.52 13.26
N ARG B 198 23.95 -7.40 13.97
CA ARG B 198 23.99 -7.48 15.46
C ARG B 198 25.24 -8.25 15.89
N ILE B 199 26.12 -7.67 16.69
CA ILE B 199 27.45 -8.23 17.07
C ILE B 199 27.29 -8.89 18.43
N LYS B 200 26.35 -8.39 19.23
CA LYS B 200 26.20 -8.84 20.64
C LYS B 200 24.81 -8.43 21.11
N GLU B 201 24.27 -9.25 22.01
CA GLU B 201 22.98 -8.97 22.69
C GLU B 201 23.01 -9.63 24.05
N ALA B 202 22.35 -9.01 25.02
CA ALA B 202 22.20 -9.59 26.37
C ALA B 202 20.84 -9.20 26.95
N ASP B 203 20.38 -9.92 27.99
CA ASP B 203 19.22 -9.50 28.82
C ASP B 203 17.95 -9.31 27.93
N ASN B 204 17.59 -10.34 27.16
CA ASN B 204 16.34 -10.41 26.38
C ASN B 204 16.29 -9.18 25.47
N GLU B 205 17.39 -8.87 24.79
CA GLU B 205 17.56 -7.74 23.85
C GLU B 205 17.39 -6.39 24.56
N THR B 206 17.69 -6.25 25.84
CA THR B 206 17.75 -4.91 26.48
C THR B 206 19.15 -4.31 26.33
N TYR B 207 20.15 -5.10 25.90
CA TYR B 207 21.50 -4.62 25.54
C TYR B 207 21.87 -5.17 24.17
N VAL B 208 22.15 -4.29 23.19
CA VAL B 208 22.38 -4.70 21.79
C VAL B 208 23.56 -3.91 21.24
N GLU B 209 24.53 -4.59 20.61
CA GLU B 209 25.63 -3.95 19.88
C GLU B 209 25.45 -4.18 18.40
N GLN B 210 25.29 -3.12 17.62
CA GLN B 210 25.09 -3.23 16.17
C GLN B 210 26.34 -2.71 15.44
N HIS B 211 26.61 -3.25 14.28
CA HIS B 211 27.68 -2.72 13.41
C HIS B 211 27.00 -2.42 12.09
N GLU B 212 27.35 -1.30 11.46
CA GLU B 212 26.79 -1.02 10.14
C GLU B 212 27.92 -0.63 9.21
N VAL B 213 27.87 -1.10 7.98
CA VAL B 213 28.70 -0.53 6.90
C VAL B 213 27.76 -0.02 5.79
N ALA B 214 28.02 1.17 5.24
CA ALA B 214 27.14 1.84 4.26
C ALA B 214 27.97 2.59 3.27
N VAL B 215 27.82 2.22 2.02
CA VAL B 215 28.68 2.77 0.92
C VAL B 215 27.74 3.33 -0.14
N ALA B 216 27.88 4.59 -0.50
CA ALA B 216 27.07 5.22 -1.59
C ALA B 216 27.77 5.04 -2.94
N ARG B 217 27.03 4.98 -4.05
CA ARG B 217 27.58 4.89 -5.41
C ARG B 217 26.55 5.42 -6.41
N TYR B 218 27.07 5.81 -7.55
CA TYR B 218 26.31 5.96 -8.79
C TYR B 218 26.17 4.58 -9.38
N CYS B 219 25.38 4.47 -10.41
CA CYS B 219 25.33 3.20 -11.17
C CYS B 219 26.60 3.08 -12.05
N ASP B 220 27.31 1.98 -11.85
CA ASP B 220 28.63 1.71 -12.48
C ASP B 220 28.44 0.94 -13.81
N LEU B 221 27.22 0.50 -14.14
CA LEU B 221 26.98 -0.30 -15.36
C LEU B 221 27.26 0.59 -16.55
N PRO B 222 27.77 0.01 -17.65
CA PRO B 222 27.87 0.75 -18.91
C PRO B 222 26.49 1.25 -19.42
N SER B 223 26.52 2.38 -20.11
CA SER B 223 25.34 3.15 -20.61
C SER B 223 25.49 3.36 -22.12
N LYS B 224 24.47 3.13 -22.92
CA LYS B 224 24.53 3.38 -24.39
C LYS B 224 24.27 4.87 -24.69
N LEU B 225 23.96 5.72 -23.70
CA LEU B 225 23.48 7.11 -23.95
C LEU B 225 24.46 8.16 -23.40
N GLU C 2 -26.00 5.03 34.73
CA GLU C 2 -24.64 4.41 34.96
C GLU C 2 -23.61 5.55 34.99
N LEU C 3 -22.39 5.28 34.53
CA LEU C 3 -21.26 6.26 34.48
C LEU C 3 -21.36 7.16 33.25
N ILE C 4 -21.89 6.67 32.13
CA ILE C 4 -22.07 7.56 30.95
C ILE C 4 -23.48 8.13 31.05
N LYS C 5 -23.56 9.41 31.44
CA LYS C 5 -24.81 10.19 31.60
C LYS C 5 -25.27 10.74 30.24
N GLU C 6 -26.50 11.27 30.16
CA GLU C 6 -27.05 11.70 28.84
C GLU C 6 -26.32 12.96 28.41
N ASN C 7 -25.73 13.68 29.36
CA ASN C 7 -24.76 14.75 29.04
C ASN C 7 -23.39 14.35 29.61
N MET C 8 -22.32 14.45 28.79
CA MET C 8 -20.92 14.26 29.24
C MET C 8 -20.01 15.32 28.66
N HIS C 9 -18.99 15.70 29.43
N HIS C 9 -18.99 15.68 29.42
CA HIS C 9 -17.89 16.60 29.05
CA HIS C 9 -17.88 16.58 29.02
C HIS C 9 -16.66 15.72 28.75
C HIS C 9 -16.66 15.70 28.73
N SER C 10 -15.75 16.23 27.89
CA SER C 10 -14.44 15.59 27.63
C SER C 10 -13.36 16.66 27.65
N LYS C 11 -12.15 16.23 28.01
CA LYS C 11 -10.94 17.04 28.09
C LYS C 11 -9.87 16.26 27.36
N LEU C 12 -9.20 16.89 26.44
CA LEU C 12 -8.23 16.16 25.60
C LEU C 12 -6.91 16.87 25.70
N TYR C 13 -5.86 16.06 25.70
CA TYR C 13 -4.46 16.55 25.59
C TYR C 13 -3.80 15.80 24.45
N LEU C 14 -3.11 16.50 23.56
CA LEU C 14 -2.55 15.87 22.34
C LEU C 14 -1.16 16.44 22.08
N GLU C 15 -0.21 15.53 21.91
CA GLU C 15 1.19 15.78 21.49
C GLU C 15 1.40 15.13 20.13
N GLY C 16 2.01 15.85 19.22
CA GLY C 16 2.30 15.24 17.91
C GLY C 16 3.45 15.88 17.20
N SER C 17 3.83 15.21 16.12
CA SER C 17 4.77 15.73 15.12
C SER C 17 4.26 15.38 13.72
N VAL C 18 4.27 16.33 12.80
CA VAL C 18 3.90 16.08 11.38
C VAL C 18 5.00 16.68 10.54
N ASN C 19 5.65 15.86 9.72
CA ASN C 19 6.85 16.25 8.96
C ASN C 19 7.87 16.92 9.90
N GLY C 20 8.08 16.37 11.11
CA GLY C 20 9.06 16.93 12.08
C GLY C 20 8.69 18.27 12.66
N HIS C 21 7.49 18.80 12.43
CA HIS C 21 6.97 19.97 13.21
C HIS C 21 6.28 19.46 14.48
N GLN C 22 6.79 19.80 15.66
CA GLN C 22 6.21 19.36 16.94
C GLN C 22 5.10 20.31 17.35
N PHE C 23 4.05 19.80 17.99
CA PHE C 23 2.94 20.65 18.46
C PHE C 23 2.20 19.94 19.56
N LYS C 24 1.38 20.68 20.26
CA LYS C 24 0.43 20.18 21.29
C LYS C 24 -0.90 20.88 21.09
N CYS C 25 -1.99 20.18 21.39
CA CYS C 25 -3.37 20.68 21.34
C CYS C 25 -4.10 20.24 22.60
N THR C 26 -5.07 21.04 22.99
N THR C 26 -5.09 21.01 22.96
CA THR C 26 -6.05 20.70 24.04
CA THR C 26 -6.05 20.70 24.04
C THR C 26 -7.44 20.91 23.40
C THR C 26 -7.44 20.93 23.42
N HIS C 27 -8.43 20.18 23.95
CA HIS C 27 -9.84 20.47 23.64
C HIS C 27 -10.64 20.40 24.94
N GLU C 28 -11.73 21.12 24.90
CA GLU C 28 -12.87 20.96 25.83
C GLU C 28 -14.05 20.55 24.97
N GLY C 29 -14.72 19.47 25.33
CA GLY C 29 -15.82 18.92 24.52
C GLY C 29 -17.02 18.65 25.36
N GLU C 30 -18.18 18.63 24.70
CA GLU C 30 -19.41 18.14 25.36
C GLU C 30 -20.31 17.54 24.31
N GLY C 31 -21.23 16.73 24.77
CA GLY C 31 -22.19 16.08 23.86
C GLY C 31 -23.15 15.18 24.58
N LYS C 32 -23.80 14.34 23.80
CA LYS C 32 -24.99 13.57 24.18
C LYS C 32 -24.66 12.17 23.82
N PRO C 33 -24.04 11.39 24.72
CA PRO C 33 -23.53 10.07 24.34
C PRO C 33 -24.56 9.14 23.70
N TYR C 34 -25.80 9.23 24.11
CA TYR C 34 -26.86 8.32 23.63
C TYR C 34 -27.59 8.90 22.43
N GLU C 35 -27.31 10.14 22.07
CA GLU C 35 -27.85 10.70 20.79
C GLU C 35 -26.79 10.67 19.70
N GLY C 36 -25.53 10.38 20.03
CA GLY C 36 -24.48 10.26 19.02
C GLY C 36 -23.93 11.60 18.58
N THR C 37 -24.10 12.68 19.34
CA THR C 37 -23.60 14.01 18.96
C THR C 37 -22.61 14.58 20.01
N GLN C 38 -21.64 15.33 19.52
CA GLN C 38 -20.66 16.07 20.37
C GLN C 38 -20.07 17.24 19.61
N THR C 39 -19.66 18.23 20.38
CA THR C 39 -18.97 19.42 19.85
C THR C 39 -17.71 19.55 20.67
N ASN C 40 -16.63 20.02 20.08
CA ASN C 40 -15.40 20.26 20.86
C ASN C 40 -14.84 21.60 20.44
N ARG C 41 -14.11 22.21 21.35
CA ARG C 41 -13.38 23.46 21.11
C ARG C 41 -11.89 23.10 21.24
N ILE C 42 -11.13 23.25 20.16
CA ILE C 42 -9.72 22.77 20.06
C ILE C 42 -8.80 23.97 19.96
N LYS C 43 -7.76 23.93 20.76
CA LYS C 43 -6.70 24.96 20.74
C LYS C 43 -5.37 24.32 20.41
N VAL C 44 -4.66 24.87 19.44
CA VAL C 44 -3.21 24.58 19.28
C VAL C 44 -2.53 25.44 20.34
N VAL C 45 -1.94 24.83 21.37
CA VAL C 45 -1.30 25.54 22.52
C VAL C 45 0.22 25.63 22.32
N GLU C 46 0.84 24.75 21.52
CA GLU C 46 2.31 24.78 21.28
C GLU C 46 2.56 24.42 19.81
N GLY C 47 3.43 25.17 19.14
CA GLY C 47 3.86 24.89 17.75
C GLY C 47 2.97 25.55 16.70
N GLY C 48 2.10 26.45 17.12
CA GLY C 48 1.11 27.08 16.23
C GLY C 48 1.65 28.41 15.72
N PRO C 49 1.28 28.88 14.52
CA PRO C 49 0.37 28.14 13.62
C PRO C 49 1.06 26.94 12.96
N LEU C 50 0.28 25.91 12.67
CA LEU C 50 0.76 24.64 12.07
C LEU C 50 1.04 24.87 10.59
N PRO C 51 2.18 24.39 10.06
CA PRO C 51 2.45 24.53 8.62
C PRO C 51 1.73 23.51 7.72
N PHE C 52 0.70 22.83 8.21
CA PHE C 52 -0.01 21.75 7.46
C PHE C 52 -1.51 21.88 7.72
N ALA C 53 -2.34 21.20 6.93
CA ALA C 53 -3.80 21.31 7.04
C ALA C 53 -4.22 20.70 8.39
N PHE C 54 -4.93 21.45 9.21
CA PHE C 54 -5.48 20.93 10.49
C PHE C 54 -6.39 19.72 10.25
N ASP C 55 -7.08 19.67 9.11
CA ASP C 55 -8.00 18.57 8.76
C ASP C 55 -7.39 17.20 9.01
N ILE C 56 -6.10 17.00 8.81
CA ILE C 56 -5.51 15.64 9.06
C ILE C 56 -5.65 15.25 10.52
N LEU C 57 -5.77 16.20 11.44
CA LEU C 57 -5.88 15.87 12.88
C LEU C 57 -7.31 15.64 13.33
N ALA C 58 -8.32 15.99 12.51
CA ALA C 58 -9.71 16.24 13.00
C ALA C 58 -10.27 14.96 13.66
N THR C 59 -9.89 13.78 13.18
CA THR C 59 -10.37 12.46 13.70
C THR C 59 -9.57 12.03 14.94
N MET C 60 -8.53 12.75 15.33
CA MET C 60 -7.79 12.48 16.58
C MET C 60 -8.62 12.90 17.79
N PHE C 61 -9.59 13.82 17.61
CA PHE C 61 -10.26 14.55 18.72
C PHE C 61 -11.57 13.87 19.08
N SER C 63 -13.44 10.09 19.64
CA SER C 63 -14.39 10.24 20.77
C SER C 63 -15.53 9.18 20.66
N LYS C 64 -15.19 7.90 20.88
CA LYS C 64 -16.07 6.73 20.56
C LYS C 64 -17.20 6.52 21.57
N ALA C 65 -17.18 7.15 22.76
CA ALA C 65 -18.26 7.04 23.77
C ALA C 65 -19.54 7.72 23.28
N PHE C 66 -19.46 8.60 22.29
CA PHE C 66 -20.59 9.42 21.77
C PHE C 66 -21.15 8.87 20.46
N ILE C 67 -21.26 7.57 20.35
CA ILE C 67 -21.90 6.90 19.19
C ILE C 67 -23.25 6.44 19.68
N LYS C 68 -24.30 6.78 18.95
CA LYS C 68 -25.63 6.24 19.24
C LYS C 68 -25.69 4.78 18.76
N TYR C 69 -25.90 3.88 19.70
CA TYR C 69 -26.03 2.43 19.45
C TYR C 69 -27.47 2.06 19.76
N PRO C 70 -28.14 1.40 18.81
CA PRO C 70 -29.53 0.99 19.00
C PRO C 70 -29.57 -0.18 19.99
N LYS C 71 -30.72 -0.41 20.59
CA LYS C 71 -30.92 -1.55 21.53
C LYS C 71 -30.69 -2.84 20.72
N GLY C 72 -29.98 -3.82 21.31
CA GLY C 72 -29.61 -5.11 20.68
C GLY C 72 -28.29 -5.07 19.92
N LEU C 73 -27.63 -3.94 19.81
CA LEU C 73 -26.25 -3.87 19.30
C LEU C 73 -25.35 -3.43 20.45
N PRO C 74 -24.63 -4.38 21.09
CA PRO C 74 -23.76 -4.04 22.23
C PRO C 74 -22.80 -2.91 21.90
N ASP C 75 -22.74 -1.94 22.80
CA ASP C 75 -21.85 -0.76 22.75
C ASP C 75 -20.54 -1.09 23.49
N TYR C 76 -19.49 -1.44 22.74
CA TYR C 76 -18.15 -1.83 23.24
C TYR C 76 -17.53 -0.67 24.04
N PHE C 77 -17.74 0.55 23.56
CA PHE C 77 -17.11 1.76 24.14
C PHE C 77 -17.75 2.08 25.49
N LYS C 78 -19.07 2.20 25.53
CA LYS C 78 -19.81 2.53 26.76
C LYS C 78 -19.59 1.43 27.79
N GLN C 79 -19.53 0.17 27.37
CA GLN C 79 -19.39 -0.98 28.33
C GLN C 79 -17.98 -0.96 28.94
N SER C 80 -17.01 -0.25 28.37
CA SER C 80 -15.60 -0.25 28.83
C SER C 80 -15.38 0.53 30.12
N PHE C 81 -16.30 1.43 30.49
CA PHE C 81 -16.14 2.29 31.70
C PHE C 81 -16.45 1.45 32.94
N PRO C 82 -15.88 1.80 34.12
CA PRO C 82 -15.06 3.01 34.30
C PRO C 82 -13.63 3.06 33.71
N GLU C 83 -12.99 1.93 33.40
CA GLU C 83 -11.54 1.90 33.05
C GLU C 83 -11.37 2.58 31.68
N GLY C 84 -12.29 2.34 30.73
CA GLY C 84 -12.21 2.92 29.39
C GLY C 84 -11.46 2.03 28.42
N PHE C 85 -10.92 2.65 27.39
CA PHE C 85 -10.38 1.90 26.25
C PHE C 85 -9.29 2.75 25.61
N THR C 86 -8.53 2.11 24.77
CA THR C 86 -7.46 2.72 23.98
C THR C 86 -7.76 2.44 22.52
N TRP C 87 -7.20 3.29 21.66
CA TRP C 87 -7.20 3.00 20.23
C TRP C 87 -5.83 3.34 19.67
N GLU C 88 -5.50 2.59 18.61
CA GLU C 88 -4.25 2.67 17.87
C GLU C 88 -4.67 2.74 16.43
N ARG C 89 -4.13 3.68 15.69
CA ARG C 89 -4.69 4.00 14.36
C ARG C 89 -3.52 4.23 13.41
N THR C 90 -3.68 3.77 12.19
CA THR C 90 -2.84 4.21 11.07
C THR C 90 -3.73 4.81 10.00
N MET C 91 -3.31 5.94 9.48
CA MET C 91 -3.97 6.64 8.35
C MET C 91 -2.98 6.69 7.21
N VAL C 92 -3.28 6.02 6.10
CA VAL C 92 -2.36 5.98 4.94
C VAL C 92 -3.05 6.77 3.83
N PHE C 93 -2.51 7.91 3.46
CA PHE C 93 -3.04 8.77 2.38
C PHE C 93 -2.46 8.29 1.05
N GLU C 94 -3.31 8.31 0.01
N GLU C 94 -3.24 8.34 -0.02
CA GLU C 94 -3.03 8.08 -1.44
CA GLU C 94 -2.84 7.76 -1.33
C GLU C 94 -1.62 8.53 -1.85
C GLU C 94 -1.65 8.55 -1.95
N ASP C 95 -1.26 9.76 -1.47
CA ASP C 95 -0.05 10.48 -2.00
C ASP C 95 1.21 10.28 -1.13
N GLY C 96 1.15 9.39 -0.13
CA GLY C 96 2.34 8.93 0.61
C GLY C 96 2.37 9.42 2.07
N GLY C 97 1.55 10.39 2.44
CA GLY C 97 1.53 10.80 3.85
C GLY C 97 1.05 9.65 4.72
N VAL C 98 1.64 9.47 5.89
CA VAL C 98 1.20 8.46 6.90
C VAL C 98 1.16 9.12 8.28
N LEU C 99 0.13 8.79 9.04
CA LEU C 99 -0.03 9.27 10.42
C LEU C 99 -0.35 8.05 11.25
N THR C 100 0.37 7.84 12.34
CA THR C 100 0.05 6.79 13.33
C THR C 100 -0.23 7.55 14.62
N ALA C 101 -1.13 7.00 15.42
CA ALA C 101 -1.67 7.73 16.59
C ALA C 101 -2.14 6.69 17.60
N THR C 102 -1.95 6.99 18.85
CA THR C 102 -2.52 6.18 19.94
C THR C 102 -3.27 7.11 20.84
N GLN C 103 -4.34 6.59 21.43
CA GLN C 103 -5.25 7.36 22.29
C GLN C 103 -5.59 6.54 23.52
N ASP C 104 -5.54 7.19 24.66
CA ASP C 104 -6.13 6.62 25.91
C ASP C 104 -7.40 7.38 26.32
N THR C 105 -8.48 6.64 26.55
CA THR C 105 -9.78 7.18 27.06
C THR C 105 -10.05 6.60 28.45
N SER C 106 -10.24 7.50 29.40
CA SER C 106 -10.60 7.18 30.81
C SER C 106 -11.69 8.13 31.30
N LEU C 107 -12.29 7.73 32.42
CA LEU C 107 -13.37 8.50 33.06
C LEU C 107 -12.88 8.83 34.46
N GLN C 108 -12.60 10.10 34.66
CA GLN C 108 -11.99 10.61 35.90
C GLN C 108 -12.94 11.69 36.44
N ASP C 109 -13.49 11.44 37.61
CA ASP C 109 -14.25 12.49 38.34
C ASP C 109 -15.37 13.00 37.43
N GLY C 110 -16.06 12.10 36.72
CA GLY C 110 -17.25 12.39 35.89
C GLY C 110 -16.92 12.92 34.50
N CYS C 111 -15.65 13.13 34.19
CA CYS C 111 -15.22 13.79 32.90
C CYS C 111 -14.48 12.75 32.04
N LEU C 112 -14.70 12.75 30.72
CA LEU C 112 -13.94 11.87 29.83
C LEU C 112 -12.61 12.54 29.58
N ILE C 113 -11.52 11.80 29.79
CA ILE C 113 -10.14 12.29 29.63
C ILE C 113 -9.54 11.57 28.42
N TYR C 114 -9.15 12.33 27.41
CA TYR C 114 -8.48 11.83 26.19
C TYR C 114 -7.03 12.26 26.23
N ASN C 115 -6.15 11.29 25.98
CA ASN C 115 -4.70 11.48 25.82
C ASN C 115 -4.31 10.92 24.45
N VAL C 116 -3.88 11.79 23.53
CA VAL C 116 -3.46 11.37 22.17
C VAL C 116 -1.97 11.61 21.96
N LYS C 117 -1.28 10.65 21.33
CA LYS C 117 0.09 10.86 20.78
C LYS C 117 0.07 10.50 19.30
N LEU C 118 0.69 11.31 18.46
CA LEU C 118 0.63 10.99 17.02
C LEU C 118 1.94 11.41 16.34
N ARG C 119 2.20 10.71 15.24
CA ARG C 119 3.40 10.89 14.41
C ARG C 119 2.95 10.85 12.95
N GLY C 120 3.13 11.97 12.23
CA GLY C 120 2.90 12.01 10.78
C GLY C 120 4.18 12.22 10.00
N VAL C 121 4.39 11.50 8.90
CA VAL C 121 5.66 11.60 8.13
C VAL C 121 5.35 11.53 6.63
N ASN C 122 6.24 12.05 5.81
CA ASN C 122 6.26 11.79 4.35
C ASN C 122 5.06 12.44 3.67
N PHE C 123 4.51 13.51 4.21
CA PHE C 123 3.46 14.33 3.52
C PHE C 123 4.25 15.10 2.48
N PRO C 124 3.95 14.96 1.18
CA PRO C 124 4.76 15.58 0.14
C PRO C 124 4.69 17.11 0.25
N ALA C 125 5.82 17.78 0.11
CA ALA C 125 5.92 19.25 0.28
C ALA C 125 4.96 20.00 -0.65
N ASN C 126 4.62 19.46 -1.81
CA ASN C 126 3.74 20.10 -2.84
C ASN C 126 2.35 19.48 -2.83
N GLY C 127 2.05 18.65 -1.86
CA GLY C 127 0.69 18.08 -1.78
C GLY C 127 -0.24 18.94 -0.94
N PRO C 128 -1.54 18.61 -0.98
CA PRO C 128 -2.54 19.51 -0.41
C PRO C 128 -2.44 19.66 1.12
N VAL C 129 -1.91 18.65 1.80
CA VAL C 129 -1.79 18.73 3.28
C VAL C 129 -0.78 19.82 3.67
N MET C 130 0.43 19.76 3.11
CA MET C 130 1.52 20.73 3.40
C MET C 130 1.22 22.10 2.77
N LYS C 131 0.56 22.17 1.61
CA LYS C 131 0.08 23.44 0.97
C LYS C 131 -1.24 23.92 1.57
N GLN C 132 -1.90 23.16 2.43
CA GLN C 132 -3.13 23.60 3.14
C GLN C 132 -4.21 23.94 2.12
N THR C 133 -4.57 23.00 1.23
CA THR C 133 -5.64 23.18 0.21
C THR C 133 -6.68 22.09 0.36
N THR C 134 -6.93 21.66 1.61
CA THR C 134 -8.01 20.71 1.99
C THR C 134 -9.20 21.49 2.59
N LEU C 135 -10.38 20.88 2.56
CA LEU C 135 -11.68 21.54 2.82
C LEU C 135 -12.56 20.62 3.63
N GLY C 136 -11.97 19.81 4.49
CA GLY C 136 -12.78 18.96 5.38
C GLY C 136 -13.01 17.56 4.83
N TRP C 137 -13.50 16.67 5.71
CA TRP C 137 -13.73 15.26 5.43
C TRP C 137 -15.15 15.03 4.93
N GLU C 138 -15.29 14.10 4.00
CA GLU C 138 -16.61 13.60 3.56
C GLU C 138 -17.18 12.74 4.69
N PRO C 139 -18.52 12.62 4.79
CA PRO C 139 -19.15 11.69 5.72
C PRO C 139 -18.64 10.28 5.40
N SER C 140 -18.56 9.45 6.41
CA SER C 140 -17.93 8.13 6.18
C SER C 140 -18.71 7.07 6.91
N THR C 141 -18.45 5.83 6.53
CA THR C 141 -18.88 4.64 7.26
C THR C 141 -17.67 3.80 7.67
N GLU C 142 -17.50 3.52 8.95
CA GLU C 142 -16.45 2.64 9.49
C GLU C 142 -17.08 1.27 9.67
N THR C 143 -16.37 0.21 9.33
CA THR C 143 -16.84 -1.13 9.70
C THR C 143 -16.02 -1.55 10.92
N LEU C 144 -16.67 -2.12 11.90
CA LEU C 144 -16.01 -2.62 13.12
C LEU C 144 -16.15 -4.13 13.15
N TYR C 145 -15.05 -4.82 13.38
CA TYR C 145 -14.99 -6.29 13.33
C TYR C 145 -14.49 -6.76 14.68
N PRO C 146 -15.14 -7.75 15.32
CA PRO C 146 -14.60 -8.31 16.54
C PRO C 146 -13.28 -9.00 16.19
N ALA C 147 -12.26 -8.86 17.04
CA ALA C 147 -10.95 -9.54 16.85
C ALA C 147 -10.32 -9.83 18.21
N ASP C 148 -10.56 -11.03 18.75
CA ASP C 148 -10.13 -11.53 20.09
C ASP C 148 -10.31 -10.48 21.20
N GLY C 149 -11.55 -10.10 21.52
CA GLY C 149 -11.88 -9.13 22.59
C GLY C 149 -11.62 -7.64 22.24
N ALA C 150 -10.87 -7.36 21.17
CA ALA C 150 -10.70 -6.01 20.58
C ALA C 150 -11.67 -5.79 19.42
N LEU C 151 -11.87 -4.53 19.01
CA LEU C 151 -12.59 -4.24 17.76
C LEU C 151 -11.55 -3.69 16.77
N GLU C 152 -11.60 -4.15 15.54
CA GLU C 152 -10.81 -3.57 14.47
C GLU C 152 -11.76 -2.75 13.61
N GLY C 153 -11.33 -1.56 13.26
CA GLY C 153 -12.11 -0.59 12.48
C GLY C 153 -11.39 -0.36 11.17
N ARG C 154 -12.15 -0.29 10.08
N ARG C 154 -12.14 -0.31 10.06
CA ARG C 154 -11.61 -0.03 8.73
CA ARG C 154 -11.60 -0.06 8.71
C ARG C 154 -12.52 1.02 8.09
C ARG C 154 -12.51 0.98 8.06
N CYS C 155 -11.94 2.05 7.50
CA CYS C 155 -12.72 3.16 6.92
C CYS C 155 -11.94 3.71 5.76
N ASP C 156 -12.57 3.93 4.64
CA ASP C 156 -12.06 4.76 3.55
C ASP C 156 -12.64 6.14 3.72
N MET C 157 -11.80 7.12 3.89
CA MET C 157 -12.27 8.49 4.13
C MET C 157 -11.62 9.36 3.10
N ALA C 158 -12.15 10.55 2.89
CA ALA C 158 -11.71 11.39 1.77
C ALA C 158 -11.78 12.84 2.20
N LEU C 159 -10.65 13.53 2.06
CA LEU C 159 -10.54 14.97 2.27
C LEU C 159 -10.89 15.65 0.96
N LYS C 160 -11.83 16.57 0.99
CA LYS C 160 -12.15 17.39 -0.18
C LYS C 160 -10.94 18.26 -0.44
N LEU C 161 -10.73 18.63 -1.71
CA LEU C 161 -9.57 19.48 -2.06
C LEU C 161 -10.08 20.72 -2.80
N VAL C 162 -9.38 21.81 -2.65
CA VAL C 162 -9.61 23.03 -3.44
C VAL C 162 -9.51 22.54 -4.89
N GLY C 163 -10.47 22.89 -5.72
CA GLY C 163 -10.43 22.44 -7.13
C GLY C 163 -11.37 21.27 -7.41
N GLY C 164 -11.87 20.59 -6.36
CA GLY C 164 -13.07 19.73 -6.46
C GLY C 164 -12.81 18.23 -6.26
N GLY C 165 -11.57 17.74 -6.31
CA GLY C 165 -11.35 16.31 -6.13
C GLY C 165 -11.19 15.93 -4.66
N HIS C 166 -10.60 14.77 -4.42
CA HIS C 166 -10.46 14.18 -3.08
C HIS C 166 -9.06 13.58 -2.93
N LEU C 167 -8.55 13.63 -1.70
CA LEU C 167 -7.36 12.94 -1.26
C LEU C 167 -7.84 11.80 -0.37
N HIS C 168 -7.70 10.59 -0.84
CA HIS C 168 -8.22 9.39 -0.15
C HIS C 168 -7.26 8.96 0.93
N CYS C 169 -7.82 8.48 2.00
CA CYS C 169 -7.06 8.02 3.17
C CYS C 169 -7.70 6.71 3.68
N ASN C 170 -6.90 5.67 3.88
N ASN C 170 -6.89 5.68 3.88
CA ASN C 170 -7.38 4.43 4.49
CA ASN C 170 -7.32 4.39 4.47
C ASN C 170 -7.06 4.49 5.98
C ASN C 170 -7.05 4.47 5.98
N PHE C 171 -8.06 4.20 6.81
CA PHE C 171 -7.91 4.17 8.28
C PHE C 171 -7.99 2.73 8.75
N LYS C 172 -7.05 2.32 9.56
CA LYS C 172 -7.10 1.01 10.24
C LYS C 172 -6.91 1.31 11.73
N THR C 173 -7.87 0.91 12.56
CA THR C 173 -7.90 1.20 13.98
C THR C 173 -8.07 -0.10 14.74
N THR C 174 -7.32 -0.28 15.82
CA THR C 174 -7.69 -1.26 16.86
C THR C 174 -8.16 -0.53 18.10
N TYR C 175 -9.32 -0.90 18.59
CA TYR C 175 -9.93 -0.43 19.85
C TYR C 175 -9.86 -1.56 20.87
N LYS C 176 -9.26 -1.30 22.03
CA LYS C 176 -9.06 -2.32 23.08
C LYS C 176 -9.61 -1.76 24.36
N SER C 177 -10.61 -2.43 24.90
CA SER C 177 -11.15 -2.14 26.23
C SER C 177 -10.05 -2.43 27.25
N LYS C 178 -9.97 -1.64 28.29
CA LYS C 178 -9.07 -1.90 29.42
C LYS C 178 -9.78 -2.81 30.44
N LYS C 179 -11.06 -3.13 30.23
CA LYS C 179 -11.78 -4.19 30.99
C LYS C 179 -11.42 -5.55 30.43
N PRO C 180 -11.41 -6.61 31.27
CA PRO C 180 -11.25 -7.99 30.79
C PRO C 180 -12.48 -8.45 30.00
N ALA C 181 -12.25 -9.31 29.00
CA ALA C 181 -13.24 -9.80 28.00
C ALA C 181 -14.41 -10.51 28.70
N LYS C 182 -14.23 -10.95 29.96
CA LYS C 182 -15.29 -11.68 30.70
C LYS C 182 -16.30 -10.65 31.26
N ASN C 183 -15.95 -9.37 31.24
CA ASN C 183 -16.88 -8.29 31.72
C ASN C 183 -17.54 -7.56 30.54
N LEU C 184 -17.34 -8.00 29.30
CA LEU C 184 -17.89 -7.30 28.09
C LEU C 184 -18.80 -8.25 27.32
N LYS C 185 -19.92 -7.73 26.81
CA LYS C 185 -20.69 -8.37 25.72
C LYS C 185 -20.17 -7.79 24.38
N MET C 186 -19.52 -8.61 23.57
CA MET C 186 -18.92 -8.27 22.25
C MET C 186 -20.04 -8.05 21.25
N PRO C 187 -19.97 -6.96 20.45
CA PRO C 187 -20.90 -6.82 19.35
C PRO C 187 -20.41 -7.74 18.23
N GLY C 188 -21.28 -7.99 17.27
CA GLY C 188 -20.93 -8.62 15.98
C GLY C 188 -20.30 -7.57 15.08
N VAL C 189 -20.07 -7.95 13.83
CA VAL C 189 -19.64 -6.96 12.82
C VAL C 189 -20.74 -5.90 12.67
N HIS C 190 -20.39 -4.62 12.71
CA HIS C 190 -21.40 -3.56 12.55
C HIS C 190 -20.74 -2.32 11.96
N TYR C 191 -21.55 -1.29 11.77
CA TYR C 191 -21.21 -0.11 10.93
C TYR C 191 -21.49 1.13 11.76
N VAL C 192 -20.62 2.08 11.73
CA VAL C 192 -20.86 3.43 12.31
C VAL C 192 -20.88 4.44 11.17
N ASP C 193 -21.98 5.15 10.97
CA ASP C 193 -22.04 6.28 10.00
C ASP C 193 -21.70 7.54 10.79
N ARG C 194 -20.85 8.40 10.21
CA ARG C 194 -20.32 9.58 10.89
C ARG C 194 -20.32 10.78 9.94
N ARG C 195 -20.53 11.94 10.51
CA ARG C 195 -20.36 13.22 9.79
C ARG C 195 -19.54 14.06 10.75
N LEU C 196 -18.36 14.42 10.34
CA LEU C 196 -17.48 15.33 11.11
C LEU C 196 -17.46 16.64 10.37
N GLU C 197 -17.90 17.73 11.01
CA GLU C 197 -17.95 19.08 10.39
C GLU C 197 -17.15 20.09 11.22
N ARG C 198 -16.39 20.94 10.55
CA ARG C 198 -15.80 22.13 11.19
C ARG C 198 -16.87 23.21 11.26
N ILE C 199 -17.20 23.69 12.45
CA ILE C 199 -18.24 24.72 12.73
C ILE C 199 -17.57 26.10 12.63
N LYS C 200 -16.32 26.20 13.04
CA LYS C 200 -15.67 27.51 13.28
C LYS C 200 -14.18 27.31 13.34
N GLU C 201 -13.42 28.29 12.87
CA GLU C 201 -11.96 28.32 13.04
C GLU C 201 -11.50 29.77 13.25
N ALA C 202 -10.38 29.97 13.92
CA ALA C 202 -9.80 31.32 14.04
C ALA C 202 -8.28 31.24 14.10
N ASP C 203 -7.64 32.42 14.06
CA ASP C 203 -6.19 32.72 13.92
C ASP C 203 -5.47 31.55 13.22
N ASN C 204 -5.61 31.51 11.90
CA ASN C 204 -5.23 30.42 10.95
C ASN C 204 -5.09 29.08 11.71
N GLU C 205 -6.25 28.53 12.06
CA GLU C 205 -6.51 27.13 12.49
C GLU C 205 -5.84 26.86 13.85
N THR C 206 -5.57 27.86 14.70
CA THR C 206 -5.04 27.59 16.06
C THR C 206 -6.23 27.42 17.04
N TYR C 207 -7.43 27.79 16.58
CA TYR C 207 -8.70 27.58 17.31
C TYR C 207 -9.66 26.88 16.35
N VAL C 208 -10.18 25.72 16.72
CA VAL C 208 -11.10 25.00 15.79
C VAL C 208 -12.23 24.42 16.62
N GLU C 209 -13.48 24.63 16.17
CA GLU C 209 -14.68 23.94 16.73
C GLU C 209 -15.17 22.87 15.76
N GLN C 210 -15.40 21.69 16.29
CA GLN C 210 -15.76 20.54 15.48
C GLN C 210 -17.08 20.04 16.04
N HIS C 211 -17.94 19.58 15.15
CA HIS C 211 -19.14 18.82 15.53
C HIS C 211 -19.05 17.45 14.86
N GLU C 212 -19.49 16.42 15.54
CA GLU C 212 -19.56 15.06 14.98
C GLU C 212 -20.90 14.47 15.39
N VAL C 213 -21.48 13.70 14.49
CA VAL C 213 -22.67 12.86 14.74
C VAL C 213 -22.28 11.48 14.26
N ALA C 214 -22.54 10.47 15.07
CA ALA C 214 -22.11 9.07 14.85
C ALA C 214 -23.21 8.12 15.34
N VAL C 215 -23.68 7.24 14.43
CA VAL C 215 -24.80 6.30 14.65
C VAL C 215 -24.38 4.89 14.21
N ALA C 216 -24.47 3.92 15.11
CA ALA C 216 -24.09 2.53 14.86
C ALA C 216 -25.32 1.79 14.32
N ARG C 217 -25.09 0.78 13.51
CA ARG C 217 -26.19 -0.06 12.97
C ARG C 217 -25.62 -1.39 12.55
N TYR C 218 -26.50 -2.35 12.49
CA TYR C 218 -26.29 -3.63 11.80
C TYR C 218 -26.54 -3.31 10.32
N CYS C 219 -26.13 -4.23 9.45
CA CYS C 219 -26.53 -4.16 8.04
C CYS C 219 -27.99 -4.59 7.98
N ASP C 220 -28.88 -3.69 7.55
CA ASP C 220 -30.36 -3.91 7.44
C ASP C 220 -30.77 -4.50 6.08
N LEU C 221 -29.87 -4.71 5.13
CA LEU C 221 -30.27 -5.33 3.83
C LEU C 221 -30.81 -6.74 4.04
N PRO C 222 -31.84 -7.16 3.26
CA PRO C 222 -32.27 -8.56 3.23
C PRO C 222 -31.14 -9.54 2.87
N SER C 223 -31.31 -10.81 3.26
CA SER C 223 -30.25 -11.85 3.14
C SER C 223 -30.80 -13.06 2.39
N LYS C 224 -31.66 -12.82 1.39
CA LYS C 224 -32.20 -13.84 0.46
C LYS C 224 -32.76 -15.03 1.26
N LEU D 3 -34.67 1.35 -20.96
CA LEU D 3 -33.96 0.13 -21.50
C LEU D 3 -33.75 -0.86 -20.37
N ILE D 4 -33.65 -0.37 -19.16
CA ILE D 4 -33.47 -1.26 -18.00
C ILE D 4 -34.88 -1.58 -17.45
N LYS D 5 -35.37 -2.78 -17.74
CA LYS D 5 -36.72 -3.24 -17.36
C LYS D 5 -36.73 -3.75 -15.91
N GLU D 6 -37.92 -4.00 -15.38
CA GLU D 6 -38.13 -4.42 -13.99
C GLU D 6 -37.44 -5.79 -13.77
N ASN D 7 -37.36 -6.61 -14.82
CA ASN D 7 -36.58 -7.88 -14.88
C ASN D 7 -35.52 -7.79 -15.98
N MET D 8 -34.25 -8.05 -15.65
CA MET D 8 -33.14 -8.09 -16.64
C MET D 8 -32.29 -9.36 -16.45
N HIS D 9 -31.85 -9.90 -17.57
N HIS D 9 -31.82 -9.89 -17.57
CA HIS D 9 -30.89 -11.03 -17.63
CA HIS D 9 -30.88 -11.03 -17.64
C HIS D 9 -29.53 -10.44 -17.93
C HIS D 9 -29.52 -10.46 -17.97
N SER D 10 -28.48 -11.12 -17.49
CA SER D 10 -27.06 -10.83 -17.77
C SER D 10 -26.34 -12.10 -18.19
N LYS D 11 -25.34 -11.93 -19.03
CA LYS D 11 -24.48 -13.02 -19.54
C LYS D 11 -23.06 -12.51 -19.40
N LEU D 12 -22.22 -13.28 -18.74
CA LEU D 12 -20.85 -12.83 -18.44
C LEU D 12 -19.83 -13.81 -19.02
N TYR D 13 -18.75 -13.22 -19.48
CA TYR D 13 -17.52 -13.91 -19.91
C TYR D 13 -16.36 -13.33 -19.13
N LEU D 14 -15.54 -14.20 -18.57
CA LEU D 14 -14.45 -13.76 -17.68
C LEU D 14 -13.25 -14.62 -17.98
N GLU D 15 -12.13 -13.95 -18.15
CA GLU D 15 -10.85 -14.61 -18.42
C GLU D 15 -9.88 -14.05 -17.40
N GLY D 16 -9.06 -14.89 -16.85
CA GLY D 16 -8.24 -14.46 -15.72
C GLY D 16 -7.08 -15.36 -15.45
N SER D 17 -6.21 -14.91 -14.57
CA SER D 17 -5.08 -15.68 -14.05
C SER D 17 -4.84 -15.18 -12.65
N VAL D 18 -4.63 -16.12 -11.72
CA VAL D 18 -4.29 -15.86 -10.30
C VAL D 18 -3.12 -16.75 -9.97
N ASN D 19 -2.00 -16.15 -9.60
CA ASN D 19 -0.73 -16.83 -9.25
C ASN D 19 -0.29 -17.70 -10.45
N GLY D 20 -0.45 -17.22 -11.69
CA GLY D 20 -0.12 -18.01 -12.89
C GLY D 20 -1.11 -19.12 -13.25
N HIS D 21 -2.21 -19.31 -12.51
CA HIS D 21 -3.26 -20.29 -12.88
C HIS D 21 -4.29 -19.60 -13.79
N GLN D 22 -4.32 -19.97 -15.06
CA GLN D 22 -5.21 -19.38 -16.09
C GLN D 22 -6.57 -20.05 -15.99
N PHE D 23 -7.64 -19.28 -16.11
CA PHE D 23 -9.02 -19.82 -16.02
C PHE D 23 -9.98 -18.91 -16.77
N LYS D 24 -11.14 -19.44 -17.06
CA LYS D 24 -12.28 -18.74 -17.64
C LYS D 24 -13.54 -19.14 -16.88
N CYS D 25 -14.49 -18.20 -16.81
CA CYS D 25 -15.82 -18.37 -16.18
C CYS D 25 -16.86 -17.79 -17.09
N THR D 26 -18.04 -18.34 -17.01
CA THR D 26 -19.29 -17.79 -17.60
C THR D 26 -20.33 -17.72 -16.49
N HIS D 27 -21.27 -16.80 -16.63
CA HIS D 27 -22.46 -16.76 -15.75
C HIS D 27 -23.67 -16.43 -16.60
N GLU D 28 -24.80 -16.84 -16.06
CA GLU D 28 -26.13 -16.46 -16.51
C GLU D 28 -26.74 -15.91 -15.28
N GLY D 29 -27.30 -14.73 -15.39
CA GLY D 29 -27.77 -13.99 -14.22
C GLY D 29 -29.12 -13.38 -14.47
N GLU D 30 -29.88 -13.19 -13.41
CA GLU D 30 -31.24 -12.61 -13.49
C GLU D 30 -31.40 -11.73 -12.27
N GLY D 31 -32.00 -10.56 -12.48
CA GLY D 31 -32.23 -9.66 -11.36
C GLY D 31 -33.36 -8.70 -11.60
N LYS D 32 -33.50 -7.82 -10.63
CA LYS D 32 -34.55 -6.78 -10.55
C LYS D 32 -33.81 -5.48 -10.37
N PRO D 33 -33.43 -4.80 -11.47
CA PRO D 33 -32.52 -3.68 -11.37
C PRO D 33 -33.01 -2.58 -10.41
N TYR D 34 -34.32 -2.40 -10.28
CA TYR D 34 -34.90 -1.33 -9.44
C TYR D 34 -35.07 -1.79 -8.03
N GLU D 35 -34.95 -3.09 -7.76
CA GLU D 35 -35.03 -3.63 -6.37
C GLU D 35 -33.62 -3.80 -5.81
N GLY D 36 -32.60 -3.59 -6.64
CA GLY D 36 -31.19 -3.75 -6.21
C GLY D 36 -30.78 -5.21 -6.05
N THR D 37 -31.45 -6.16 -6.68
CA THR D 37 -31.16 -7.60 -6.41
C THR D 37 -30.82 -8.32 -7.69
N GLN D 38 -29.98 -9.32 -7.56
CA GLN D 38 -29.71 -10.25 -8.66
C GLN D 38 -29.17 -11.57 -8.13
N THR D 39 -29.34 -12.59 -8.94
CA THR D 39 -28.76 -13.92 -8.72
C THR D 39 -28.00 -14.30 -9.97
N ASN D 40 -26.92 -15.04 -9.83
CA ASN D 40 -26.19 -15.52 -11.02
C ASN D 40 -25.80 -16.97 -10.79
N ARG D 41 -25.55 -17.63 -11.89
CA ARG D 41 -25.15 -19.06 -11.95
C ARG D 41 -23.84 -19.04 -12.69
N ILE D 42 -22.77 -19.31 -11.98
CA ILE D 42 -21.40 -19.21 -12.51
C ILE D 42 -20.83 -20.60 -12.75
N LYS D 43 -20.20 -20.77 -13.89
CA LYS D 43 -19.42 -22.00 -14.19
C LYS D 43 -17.97 -21.61 -14.41
N VAL D 44 -17.07 -22.41 -13.85
CA VAL D 44 -15.63 -22.40 -14.23
C VAL D 44 -15.47 -23.26 -15.49
N VAL D 45 -15.29 -22.64 -16.67
CA VAL D 45 -15.30 -23.39 -17.96
C VAL D 45 -13.86 -23.71 -18.42
N GLU D 46 -12.85 -23.14 -17.79
CA GLU D 46 -11.44 -23.47 -18.06
C GLU D 46 -10.69 -23.30 -16.77
N GLY D 47 -9.82 -24.27 -16.48
CA GLY D 47 -8.81 -24.16 -15.42
C GLY D 47 -9.27 -24.69 -14.08
N GLY D 48 -10.48 -25.21 -14.02
CA GLY D 48 -11.03 -25.80 -12.79
C GLY D 48 -10.36 -27.15 -12.53
N PRO D 49 -10.28 -27.60 -11.27
CA PRO D 49 -10.71 -26.85 -10.09
C PRO D 49 -9.70 -25.75 -9.77
N LEU D 50 -10.16 -24.60 -9.36
CA LEU D 50 -9.27 -23.45 -9.04
C LEU D 50 -8.48 -23.77 -7.77
N PRO D 51 -7.15 -23.52 -7.73
CA PRO D 51 -6.35 -23.80 -6.54
C PRO D 51 -6.40 -22.64 -5.51
N PHE D 52 -7.38 -21.75 -5.58
CA PHE D 52 -7.54 -20.58 -4.70
C PHE D 52 -9.01 -20.47 -4.35
N ALA D 53 -9.31 -19.71 -3.29
CA ALA D 53 -10.70 -19.52 -2.84
C ALA D 53 -11.47 -18.74 -3.92
N PHE D 54 -12.58 -19.30 -4.40
CA PHE D 54 -13.45 -18.66 -5.39
C PHE D 54 -13.95 -17.29 -4.91
N ASP D 55 -14.16 -17.14 -3.59
CA ASP D 55 -14.58 -15.87 -2.93
C ASP D 55 -13.84 -14.67 -3.54
N ILE D 56 -12.56 -14.81 -3.84
CA ILE D 56 -11.77 -13.62 -4.30
C ILE D 56 -12.32 -13.09 -5.64
N LEU D 57 -12.99 -13.91 -6.46
CA LEU D 57 -13.58 -13.53 -7.78
C LEU D 57 -15.02 -13.00 -7.63
N ALA D 58 -15.69 -13.22 -6.50
CA ALA D 58 -17.16 -13.04 -6.34
C ALA D 58 -17.61 -11.66 -6.78
N THR D 59 -16.85 -10.61 -6.45
CA THR D 59 -17.22 -9.23 -6.82
C THR D 59 -16.97 -8.95 -8.31
N MET D 60 -16.38 -9.86 -9.05
CA MET D 60 -16.16 -9.63 -10.51
C MET D 60 -17.45 -9.82 -11.26
N PHE D 61 -18.44 -10.49 -10.66
CA PHE D 61 -19.65 -11.00 -11.37
C PHE D 61 -20.86 -10.08 -11.16
N SER D 63 -21.84 -5.89 -11.10
CA SER D 63 -23.15 -5.84 -11.82
C SER D 63 -23.88 -4.53 -11.42
N LYS D 64 -23.34 -3.38 -11.84
CA LYS D 64 -23.68 -2.05 -11.24
C LYS D 64 -25.06 -1.51 -11.68
N ALA D 65 -25.69 -2.10 -12.70
CA ALA D 65 -27.03 -1.67 -13.19
C ALA D 65 -28.12 -2.15 -12.21
N PHE D 66 -27.81 -3.14 -11.36
CA PHE D 66 -28.77 -3.70 -10.39
C PHE D 66 -28.57 -3.05 -9.02
N ILE D 67 -28.34 -1.75 -8.96
CA ILE D 67 -28.29 -1.03 -7.66
C ILE D 67 -29.57 -0.24 -7.53
N LYS D 68 -30.23 -0.38 -6.38
CA LYS D 68 -31.44 0.41 -6.12
C LYS D 68 -30.98 1.85 -5.86
N TYR D 69 -31.39 2.78 -6.72
CA TYR D 69 -31.17 4.23 -6.51
C TYR D 69 -32.51 4.90 -6.18
N PRO D 70 -32.58 5.65 -5.06
CA PRO D 70 -33.79 6.38 -4.74
C PRO D 70 -33.89 7.54 -5.71
N LYS D 71 -35.05 8.15 -5.79
CA LYS D 71 -35.45 9.12 -6.84
C LYS D 71 -34.54 10.35 -6.90
N GLY D 72 -34.04 10.89 -5.79
CA GLY D 72 -33.26 12.15 -5.89
C GLY D 72 -31.77 11.92 -6.09
N LEU D 73 -31.34 10.68 -6.27
CA LEU D 73 -29.90 10.37 -6.35
C LEU D 73 -29.66 9.84 -7.76
N PRO D 74 -29.04 10.61 -8.65
CA PRO D 74 -28.92 10.15 -10.04
C PRO D 74 -28.14 8.84 -10.13
N ASP D 75 -28.62 7.97 -10.99
CA ASP D 75 -28.10 6.60 -11.21
C ASP D 75 -27.20 6.66 -12.45
N TYR D 76 -25.89 6.73 -12.21
CA TYR D 76 -24.87 6.92 -13.26
C TYR D 76 -24.95 5.72 -14.21
N PHE D 77 -25.26 4.55 -13.63
CA PHE D 77 -25.13 3.27 -14.33
C PHE D 77 -26.30 3.10 -15.26
N LYS D 78 -27.52 3.25 -14.75
CA LYS D 78 -28.73 3.09 -15.56
C LYS D 78 -28.81 4.22 -16.60
N GLN D 79 -28.34 5.43 -16.33
CA GLN D 79 -28.34 6.55 -17.33
C GLN D 79 -27.40 6.21 -18.49
N SER D 80 -26.44 5.30 -18.32
CA SER D 80 -25.34 5.08 -19.31
C SER D 80 -25.84 4.31 -20.53
N PHE D 81 -26.96 3.61 -20.43
CA PHE D 81 -27.51 2.80 -21.55
C PHE D 81 -28.14 3.72 -22.61
N PRO D 82 -28.14 3.36 -23.90
CA PRO D 82 -27.73 2.03 -24.35
C PRO D 82 -26.22 1.73 -24.38
N GLU D 83 -25.35 2.72 -24.39
CA GLU D 83 -23.88 2.47 -24.61
C GLU D 83 -23.31 1.63 -23.45
N GLY D 84 -23.76 1.85 -22.24
CA GLY D 84 -23.18 1.10 -21.10
C GLY D 84 -21.96 1.80 -20.52
N PHE D 85 -21.12 1.04 -19.84
CA PHE D 85 -20.06 1.64 -19.03
C PHE D 85 -18.99 0.60 -18.83
N THR D 86 -17.88 1.03 -18.27
CA THR D 86 -16.76 0.14 -17.92
C THR D 86 -16.36 0.37 -16.48
N TRP D 87 -15.60 -0.55 -15.97
CA TRP D 87 -14.97 -0.38 -14.66
C TRP D 87 -13.60 -1.01 -14.65
N GLU D 88 -12.72 -0.38 -13.87
CA GLU D 88 -11.32 -0.83 -13.69
C GLU D 88 -11.10 -0.87 -12.19
N ARG D 89 -10.61 -1.98 -11.70
CA ARG D 89 -10.59 -2.20 -10.26
C ARG D 89 -9.20 -2.74 -9.88
N THR D 90 -8.71 -2.30 -8.74
CA THR D 90 -7.63 -2.97 -8.01
C THR D 90 -8.14 -3.45 -6.67
N MET D 91 -7.77 -4.64 -6.28
CA MET D 91 -8.02 -5.26 -4.97
C MET D 91 -6.67 -5.60 -4.36
N VAL D 92 -6.37 -5.04 -3.21
CA VAL D 92 -5.11 -5.24 -2.45
C VAL D 92 -5.53 -5.93 -1.12
N PHE D 93 -5.12 -7.17 -0.92
CA PHE D 93 -5.37 -7.95 0.32
C PHE D 93 -4.26 -7.65 1.30
N GLU D 94 -4.60 -7.58 2.58
CA GLU D 94 -3.66 -7.07 3.62
C GLU D 94 -2.40 -7.97 3.71
N ASP D 95 -2.47 -9.22 3.24
CA ASP D 95 -1.36 -10.22 3.34
C ASP D 95 -0.54 -10.28 2.03
N GLY D 96 -0.89 -9.54 0.99
CA GLY D 96 0.04 -9.27 -0.15
C GLY D 96 -0.57 -9.52 -1.54
N GLY D 97 -1.62 -10.33 -1.62
CA GLY D 97 -2.24 -10.57 -2.94
C GLY D 97 -2.78 -9.30 -3.59
N VAL D 98 -2.59 -9.17 -4.88
CA VAL D 98 -3.12 -8.03 -5.69
C VAL D 98 -3.82 -8.57 -6.93
N LEU D 99 -5.00 -8.03 -7.21
CA LEU D 99 -5.88 -8.43 -8.32
C LEU D 99 -6.27 -7.16 -9.09
N THR D 100 -5.92 -7.04 -10.35
CA THR D 100 -6.46 -5.96 -11.20
C THR D 100 -7.46 -6.62 -12.13
N ALA D 101 -8.46 -5.85 -12.50
CA ALA D 101 -9.59 -6.34 -13.28
C ALA D 101 -10.17 -5.16 -14.05
N THR D 102 -10.69 -5.48 -15.20
CA THR D 102 -11.47 -4.51 -16.00
C THR D 102 -12.72 -5.24 -16.42
N GLN D 103 -13.75 -4.46 -16.68
CA GLN D 103 -15.03 -4.97 -17.16
C GLN D 103 -15.64 -4.00 -18.16
N ASP D 104 -16.25 -4.56 -19.18
CA ASP D 104 -17.10 -3.83 -20.14
C ASP D 104 -18.54 -4.33 -19.95
N THR D 105 -19.47 -3.41 -19.78
CA THR D 105 -20.91 -3.71 -19.69
C THR D 105 -21.58 -3.09 -20.89
N SER D 106 -22.27 -3.92 -21.68
CA SER D 106 -23.07 -3.46 -22.86
C SER D 106 -24.45 -4.12 -22.80
N LEU D 107 -25.34 -3.67 -23.65
CA LEU D 107 -26.74 -4.11 -23.65
C LEU D 107 -26.95 -4.59 -25.07
N GLN D 108 -27.01 -5.92 -25.30
CA GLN D 108 -27.19 -6.47 -26.66
C GLN D 108 -28.49 -7.29 -26.67
N ASP D 109 -29.47 -6.86 -27.47
CA ASP D 109 -30.74 -7.60 -27.72
C ASP D 109 -31.52 -7.71 -26.40
N GLY D 110 -31.51 -6.65 -25.59
CA GLY D 110 -32.26 -6.59 -24.33
C GLY D 110 -31.54 -7.27 -23.16
N CYS D 111 -30.39 -7.90 -23.41
CA CYS D 111 -29.59 -8.67 -22.42
C CYS D 111 -28.34 -7.85 -22.02
N LEU D 112 -28.00 -7.83 -20.74
CA LEU D 112 -26.74 -7.18 -20.27
C LEU D 112 -25.56 -8.12 -20.54
N ILE D 113 -24.51 -7.62 -21.20
CA ILE D 113 -23.32 -8.44 -21.55
C ILE D 113 -22.15 -7.88 -20.75
N TYR D 114 -21.51 -8.74 -19.96
CA TYR D 114 -20.34 -8.43 -19.12
C TYR D 114 -19.15 -9.21 -19.70
N ASN D 115 -18.07 -8.50 -19.98
CA ASN D 115 -16.75 -8.99 -20.43
C ASN D 115 -15.75 -8.60 -19.36
N VAL D 116 -15.18 -9.56 -18.64
CA VAL D 116 -14.27 -9.28 -17.49
C VAL D 116 -12.94 -9.95 -17.78
N LYS D 117 -11.89 -9.21 -17.53
CA LYS D 117 -10.49 -9.69 -17.63
C LYS D 117 -9.81 -9.33 -16.34
N LEU D 118 -9.11 -10.30 -15.78
CA LEU D 118 -8.46 -10.08 -14.48
C LEU D 118 -7.11 -10.81 -14.44
N ARG D 119 -6.22 -10.26 -13.64
CA ARG D 119 -4.87 -10.78 -13.33
C ARG D 119 -4.56 -10.55 -11.84
N GLY D 120 -4.39 -11.65 -11.11
CA GLY D 120 -3.97 -11.57 -9.71
C GLY D 120 -2.62 -12.24 -9.48
N VAL D 121 -1.82 -11.69 -8.57
CA VAL D 121 -0.44 -12.16 -8.35
C VAL D 121 -0.10 -11.97 -6.88
N ASN D 122 0.96 -12.61 -6.42
N ASN D 122 0.94 -12.70 -6.48
CA ASN D 122 1.59 -12.41 -5.10
CA ASN D 122 1.70 -12.61 -5.21
C ASN D 122 0.66 -12.87 -3.98
C ASN D 122 0.72 -12.89 -4.04
N PHE D 123 -0.25 -13.79 -4.23
CA PHE D 123 -1.09 -14.34 -3.11
C PHE D 123 -0.17 -15.29 -2.37
N PRO D 124 -0.04 -15.18 -1.04
CA PRO D 124 0.91 -16.03 -0.33
C PRO D 124 0.45 -17.50 -0.33
N ALA D 125 1.36 -18.42 -0.56
CA ALA D 125 1.06 -19.88 -0.57
C ALA D 125 0.40 -20.28 0.76
N ASN D 126 0.75 -19.63 1.85
CA ASN D 126 0.26 -19.97 3.23
C ASN D 126 -0.88 -19.06 3.69
N GLY D 127 -1.49 -18.28 2.82
CA GLY D 127 -2.59 -17.39 3.21
C GLY D 127 -3.93 -18.12 3.01
N PRO D 128 -5.00 -17.58 3.61
CA PRO D 128 -6.34 -18.14 3.48
C PRO D 128 -6.87 -18.34 2.05
N VAL D 129 -6.48 -17.43 1.17
CA VAL D 129 -6.92 -17.54 -0.25
C VAL D 129 -6.36 -18.81 -0.88
N MET D 130 -5.05 -19.04 -0.86
CA MET D 130 -4.44 -20.23 -1.46
C MET D 130 -4.73 -21.50 -0.63
N LYS D 131 -4.94 -21.41 0.68
CA LYS D 131 -5.32 -22.61 1.46
C LYS D 131 -6.83 -22.81 1.40
N GLN D 132 -7.59 -21.88 0.83
CA GLN D 132 -9.06 -22.01 0.69
C GLN D 132 -9.72 -22.17 2.08
N THR D 133 -9.43 -21.27 3.03
CA THR D 133 -10.11 -21.28 4.36
C THR D 133 -10.99 -20.03 4.49
N THR D 134 -11.55 -19.52 3.38
CA THR D 134 -12.50 -18.38 3.43
C THR D 134 -13.95 -18.87 3.46
N LEU D 135 -14.85 -18.00 3.94
CA LEU D 135 -16.28 -18.31 4.14
C LEU D 135 -17.13 -17.14 3.64
N GLY D 136 -16.75 -16.47 2.59
CA GLY D 136 -17.64 -15.42 2.09
C GLY D 136 -17.28 -14.03 2.59
N TRP D 137 -17.84 -13.03 1.95
CA TRP D 137 -17.55 -11.62 2.24
C TRP D 137 -18.56 -11.13 3.25
N GLU D 138 -18.13 -10.25 4.13
CA GLU D 138 -19.03 -9.45 4.99
C GLU D 138 -19.77 -8.47 4.10
N PRO D 139 -20.99 -8.07 4.50
CA PRO D 139 -21.66 -6.93 3.86
C PRO D 139 -20.68 -5.73 3.89
N SER D 140 -20.83 -4.81 2.98
CA SER D 140 -19.88 -3.69 2.91
C SER D 140 -20.61 -2.44 2.42
N THR D 141 -19.92 -1.32 2.48
CA THR D 141 -20.40 -0.02 1.99
C THR D 141 -19.31 0.52 1.09
N GLU D 142 -19.61 0.74 -0.18
CA GLU D 142 -18.72 1.47 -1.12
C GLU D 142 -19.04 2.96 -1.11
N THR D 143 -18.04 3.81 -1.13
CA THR D 143 -18.24 5.25 -1.30
C THR D 143 -17.95 5.58 -2.75
N LEU D 144 -18.84 6.28 -3.39
CA LEU D 144 -18.66 6.71 -4.79
C LEU D 144 -18.47 8.21 -4.83
N TYR D 145 -17.42 8.66 -5.50
CA TYR D 145 -16.98 10.06 -5.59
C TYR D 145 -16.97 10.45 -7.05
N PRO D 146 -17.64 11.57 -7.43
CA PRO D 146 -17.50 12.10 -8.79
C PRO D 146 -16.04 12.47 -9.02
N ALA D 147 -15.47 12.09 -10.15
CA ALA D 147 -14.10 12.48 -10.54
C ALA D 147 -14.02 12.62 -12.06
N ASP D 148 -14.20 13.86 -12.56
CA ASP D 148 -14.11 14.28 -13.99
C ASP D 148 -14.97 13.36 -14.90
N GLY D 149 -16.28 13.27 -14.66
CA GLY D 149 -17.20 12.54 -15.56
C GLY D 149 -17.30 11.08 -15.17
N ALA D 150 -16.32 10.60 -14.41
CA ALA D 150 -16.25 9.20 -13.92
C ALA D 150 -16.69 9.14 -12.44
N LEU D 151 -16.96 7.95 -11.93
CA LEU D 151 -17.11 7.74 -10.48
C LEU D 151 -15.94 6.93 -9.98
N GLU D 152 -15.41 7.29 -8.83
CA GLU D 152 -14.35 6.53 -8.16
C GLU D 152 -15.01 5.84 -6.97
N GLY D 153 -14.77 4.55 -6.81
CA GLY D 153 -15.35 3.73 -5.75
C GLY D 153 -14.25 3.37 -4.81
N ARG D 154 -14.50 3.39 -3.51
CA ARG D 154 -13.54 2.93 -2.49
C ARG D 154 -14.34 2.07 -1.53
N CYS D 155 -13.78 0.92 -1.17
N CYS D 155 -13.85 0.86 -1.23
CA CYS D 155 -14.42 -0.02 -0.23
CA CYS D 155 -14.45 -0.04 -0.22
C CYS D 155 -13.36 -0.75 0.60
C CYS D 155 -13.34 -0.72 0.58
N ASP D 156 -13.49 -0.88 1.90
CA ASP D 156 -12.69 -1.91 2.66
C ASP D 156 -13.65 -3.04 2.89
N MET D 157 -13.31 -4.22 2.39
CA MET D 157 -14.16 -5.41 2.51
C MET D 157 -13.38 -6.49 3.27
N ALA D 158 -14.08 -7.46 3.81
CA ALA D 158 -13.44 -8.48 4.65
C ALA D 158 -14.02 -9.82 4.29
N LEU D 159 -13.13 -10.77 4.01
CA LEU D 159 -13.50 -12.20 3.91
C LEU D 159 -13.55 -12.79 5.31
N LYS D 160 -14.61 -13.51 5.60
CA LYS D 160 -14.67 -14.34 6.84
C LYS D 160 -13.74 -15.53 6.67
N LEU D 161 -13.12 -15.95 7.78
CA LEU D 161 -12.12 -17.03 7.80
C LEU D 161 -12.59 -18.17 8.71
N VAL D 162 -12.34 -19.39 8.24
CA VAL D 162 -12.43 -20.63 9.07
C VAL D 162 -11.68 -20.33 10.37
N GLY D 163 -12.34 -20.52 11.50
CA GLY D 163 -11.78 -20.27 12.85
C GLY D 163 -12.28 -18.97 13.45
N GLY D 164 -12.87 -18.10 12.64
CA GLY D 164 -13.24 -16.74 13.08
C GLY D 164 -12.21 -15.76 12.53
N GLY D 165 -12.46 -14.47 12.66
CA GLY D 165 -11.50 -13.48 12.11
C GLY D 165 -11.80 -13.17 10.64
N HIS D 166 -10.98 -12.30 10.08
CA HIS D 166 -11.22 -11.76 8.74
C HIS D 166 -9.89 -11.53 8.06
N LEU D 167 -9.90 -11.62 6.74
CA LEU D 167 -8.84 -11.15 5.84
C LEU D 167 -9.37 -9.89 5.18
N HIS D 168 -8.68 -8.79 5.31
CA HIS D 168 -9.18 -7.50 4.79
C HIS D 168 -8.66 -7.29 3.37
N CYS D 169 -9.32 -6.40 2.64
CA CYS D 169 -9.05 -6.14 1.23
C CYS D 169 -9.52 -4.75 0.92
N ASN D 170 -8.70 -3.95 0.26
N ASN D 170 -8.70 -3.98 0.23
CA ASN D 170 -9.05 -2.56 -0.13
CA ASN D 170 -8.98 -2.55 -0.11
C ASN D 170 -9.35 -2.58 -1.61
C ASN D 170 -9.30 -2.53 -1.61
N PHE D 171 -10.48 -2.03 -2.00
CA PHE D 171 -10.92 -2.00 -3.40
C PHE D 171 -10.80 -0.54 -3.83
N LYS D 172 -10.32 -0.32 -5.03
CA LYS D 172 -10.31 1.01 -5.68
C LYS D 172 -10.81 0.77 -7.09
N THR D 173 -11.92 1.43 -7.43
CA THR D 173 -12.62 1.20 -8.70
C THR D 173 -12.80 2.55 -9.38
N THR D 174 -12.51 2.61 -10.65
CA THR D 174 -13.02 3.69 -11.51
C THR D 174 -14.17 3.15 -12.35
N TYR D 175 -15.27 3.89 -12.39
CA TYR D 175 -16.42 3.59 -13.25
C TYR D 175 -16.54 4.69 -14.31
N LYS D 176 -16.58 4.33 -15.57
CA LYS D 176 -16.62 5.27 -16.72
C LYS D 176 -17.78 4.91 -17.68
N SER D 177 -18.72 5.82 -17.78
CA SER D 177 -19.85 5.77 -18.73
C SER D 177 -19.24 5.88 -20.13
N LYS D 178 -19.80 5.19 -21.10
CA LYS D 178 -19.45 5.33 -22.52
C LYS D 178 -20.27 6.48 -23.08
N LYS D 179 -21.15 7.12 -22.28
CA LYS D 179 -21.83 8.38 -22.69
C LYS D 179 -20.97 9.56 -22.27
N PRO D 180 -20.97 10.67 -23.01
CA PRO D 180 -20.30 11.88 -22.54
C PRO D 180 -20.92 12.43 -21.23
N ALA D 181 -20.07 12.97 -20.38
CA ALA D 181 -20.42 13.72 -19.15
C ALA D 181 -21.58 14.71 -19.39
N LYS D 182 -21.56 15.44 -20.51
CA LYS D 182 -22.63 16.38 -20.94
C LYS D 182 -24.03 15.73 -20.99
N ASN D 183 -24.14 14.41 -21.18
CA ASN D 183 -25.45 13.76 -21.39
C ASN D 183 -25.83 13.03 -20.10
N LEU D 184 -25.13 13.27 -19.00
CA LEU D 184 -25.42 12.55 -17.73
C LEU D 184 -25.72 13.57 -16.63
N LYS D 185 -26.64 13.25 -15.72
CA LYS D 185 -26.73 13.97 -14.42
C LYS D 185 -25.80 13.25 -13.45
N MET D 186 -24.69 13.90 -13.11
CA MET D 186 -23.70 13.38 -12.16
C MET D 186 -24.29 13.35 -10.74
N PRO D 187 -24.14 12.25 -10.00
CA PRO D 187 -24.54 12.26 -8.59
C PRO D 187 -23.48 13.02 -7.78
N GLY D 188 -23.79 13.35 -6.55
CA GLY D 188 -22.75 13.80 -5.63
C GLY D 188 -22.15 12.55 -4.95
N VAL D 189 -21.33 12.80 -3.95
CA VAL D 189 -20.74 11.71 -3.15
C VAL D 189 -21.88 10.89 -2.57
N HIS D 190 -21.94 9.61 -2.77
CA HIS D 190 -22.98 8.78 -2.10
C HIS D 190 -22.40 7.43 -1.75
N TYR D 191 -23.25 6.53 -1.29
CA TYR D 191 -22.86 5.29 -0.61
C TYR D 191 -23.71 4.19 -1.23
N VAL D 192 -23.11 3.02 -1.47
CA VAL D 192 -23.86 1.85 -1.89
C VAL D 192 -23.63 0.78 -0.83
N ASP D 193 -24.70 0.38 -0.17
CA ASP D 193 -24.64 -0.75 0.80
C ASP D 193 -24.88 -2.04 0.01
N ARG D 194 -24.06 -3.06 0.25
CA ARG D 194 -24.18 -4.33 -0.49
C ARG D 194 -24.09 -5.53 0.45
N ARG D 195 -24.77 -6.59 0.11
CA ARG D 195 -24.54 -7.90 0.74
C ARG D 195 -24.45 -8.87 -0.43
N LEU D 196 -23.33 -9.56 -0.52
CA LEU D 196 -23.09 -10.65 -1.50
C LEU D 196 -23.09 -11.98 -0.76
N GLU D 197 -23.99 -12.88 -1.12
CA GLU D 197 -24.07 -14.18 -0.42
C GLU D 197 -23.92 -15.31 -1.45
N ARG D 198 -23.09 -16.31 -1.13
CA ARG D 198 -23.08 -17.54 -1.93
C ARG D 198 -24.33 -18.34 -1.51
N ILE D 199 -25.14 -18.79 -2.48
CA ILE D 199 -26.41 -19.50 -2.25
C ILE D 199 -26.13 -21.01 -2.35
N LYS D 200 -25.20 -21.38 -3.23
CA LYS D 200 -24.96 -22.79 -3.62
C LYS D 200 -23.58 -22.89 -4.27
N GLU D 201 -22.89 -24.02 -4.07
CA GLU D 201 -21.70 -24.43 -4.85
C GLU D 201 -21.75 -25.93 -5.10
N ALA D 202 -21.06 -26.37 -6.16
CA ALA D 202 -20.91 -27.79 -6.52
C ALA D 202 -19.55 -28.02 -7.22
N ASP D 203 -19.15 -29.30 -7.29
CA ASP D 203 -17.99 -29.82 -8.07
C ASP D 203 -16.78 -28.95 -7.75
N ASN D 204 -16.46 -28.81 -6.46
CA ASN D 204 -15.20 -28.18 -5.96
C ASN D 204 -15.19 -26.71 -6.42
N GLU D 205 -16.29 -25.98 -6.18
CA GLU D 205 -16.46 -24.56 -6.58
C GLU D 205 -16.31 -24.42 -8.08
N THR D 206 -16.68 -25.39 -8.93
CA THR D 206 -16.67 -25.10 -10.40
C THR D 206 -18.04 -24.62 -10.85
N TYR D 207 -19.03 -24.76 -9.96
CA TYR D 207 -20.37 -24.22 -10.18
C TYR D 207 -20.72 -23.45 -8.90
N VAL D 208 -21.07 -22.18 -9.03
CA VAL D 208 -21.34 -21.29 -7.85
C VAL D 208 -22.57 -20.42 -8.16
N GLU D 209 -23.49 -20.31 -7.21
CA GLU D 209 -24.68 -19.41 -7.32
C GLU D 209 -24.49 -18.32 -6.29
N GLN D 210 -24.59 -17.09 -6.76
CA GLN D 210 -24.41 -15.87 -5.94
C GLN D 210 -25.67 -15.03 -6.00
N HIS D 211 -25.99 -14.41 -4.88
CA HIS D 211 -27.08 -13.44 -4.72
C HIS D 211 -26.44 -12.14 -4.24
N GLU D 212 -26.83 -11.04 -4.83
CA GLU D 212 -26.39 -9.74 -4.29
C GLU D 212 -27.59 -8.85 -4.12
N VAL D 213 -27.62 -8.10 -3.05
CA VAL D 213 -28.53 -6.93 -2.94
C VAL D 213 -27.69 -5.67 -2.77
N ALA D 214 -27.98 -4.61 -3.52
CA ALA D 214 -27.21 -3.35 -3.42
C ALA D 214 -28.16 -2.14 -3.48
N VAL D 215 -28.00 -1.25 -2.51
CA VAL D 215 -28.90 -0.08 -2.34
C VAL D 215 -28.03 1.16 -2.19
N ALA D 216 -28.24 2.17 -3.04
CA ALA D 216 -27.55 3.47 -2.93
C ALA D 216 -28.31 4.42 -2.00
N ARG D 217 -27.60 5.38 -1.40
CA ARG D 217 -28.18 6.42 -0.53
C ARG D 217 -27.20 7.58 -0.38
N TYR D 218 -27.74 8.73 -0.06
CA TYR D 218 -26.97 9.90 0.45
C TYR D 218 -26.75 9.64 1.93
N CYS D 219 -25.86 10.40 2.52
CA CYS D 219 -25.75 10.38 3.99
C CYS D 219 -26.99 11.07 4.58
N ASP D 220 -27.78 10.35 5.36
CA ASP D 220 -29.04 10.83 5.97
C ASP D 220 -28.81 11.41 7.38
N LEU D 221 -27.56 11.50 7.86
CA LEU D 221 -27.29 12.04 9.23
C LEU D 221 -27.58 13.53 9.20
N PRO D 222 -28.11 14.11 10.30
CA PRO D 222 -28.29 15.56 10.38
C PRO D 222 -26.92 16.25 10.22
N SER D 223 -26.96 17.49 9.69
CA SER D 223 -25.81 18.37 9.34
C SER D 223 -25.94 19.74 10.00
N LYS D 224 -24.90 20.58 9.91
CA LYS D 224 -24.95 21.99 10.41
C LYS D 224 -24.40 22.97 9.36
#